data_6UAN
#
_entry.id   6UAN
#
_cell.length_a   1.00
_cell.length_b   1.00
_cell.length_c   1.00
_cell.angle_alpha   90.00
_cell.angle_beta   90.00
_cell.angle_gamma   90.00
#
_symmetry.space_group_name_H-M   'P 1'
#
loop_
_entity.id
_entity.type
_entity.pdbx_description
1 polymer '14-3-3 zeta'
2 polymer 'Serine/threonine-protein kinase B-raf'
#
loop_
_entity_poly.entity_id
_entity_poly.type
_entity_poly.pdbx_seq_one_letter_code
_entity_poly.pdbx_strand_id
1 'polypeptide(L)'
;MSVDKEELVQRAKLAEQAERYDDMAAAMKEVTETGVELSNEERNLLSVAYKNVVGARRSSWRVISSIEQKTEGSERKQQM
AKEYRVKVEKELREICYDVLGLLDKHLIPKASNPESKVFYLKMKGDYYRYLAEVATGETRNSVVEDSQKAYQDAFEISKA
KMQPTHPIRLGLALNFSVFYYEILNSPDKACQLAKQAFDDAIAELDTLNEDSYKDSTLIMQLLRDNLTLWTSDTQGDGDE
PAEGGDN
;
A,Z
2 'polypeptide(L)'
;SGMAALSGGGGGGAEPGQALFNGDMEPEAGAGAGAAASSAADPAIPEEVWNIKQMIKLTQEHIEALLDKFGGEHNPPSIY
LEAYEEYTSKLDALQQREQQLLESLGNGTDFSVSSSASMDTVTSSSSSSLSVLPSSLSVFQNPTDVARSNPKSPQKPIVR
VFLPNKQRTVVPARCGVTVRDSLKKALMMRGLIPECCAVYRIQDGEKKPIGWDTDISWLTGEELHVEVLENVPLTTHNFV
RKTFFTLAFCDFCRKLLFQGFRCQTCGYKFHQRCSTEVPLMCVNYDQLDLLFVSKFFEHHPIPQEEASLAETALTSGSSP
SAPASDSIGPQILTSPSPSKSIPIPQPFRPADEDHRNQFGQRDRSSSAPNVHINCMEPVNIDDLIRDQGFRGDGGSTTGL
SATPPASLPGSLTNVKALQKSPGPQRERKSSSSSEDRNRMKTLGRRDSSDDWEIPDGQITVGQRIGSGSFGTVYKGKWHG
DVAVKMLNVTAPTPQQLQAFKNEVGVLRKTRHVNILLFMGYSTKPQLAIVTQWCEGSSLYHHLHIIETKFEMIKLIDIAR
QTAQGMDYLHAKSIIHRDLKSNNIFLHEDLTVKIGDFGLATVKSRWSGSHQFEQLSGSILWMAPEVIRMQDKNPYSFQSD
VYAFGIVLYELMTGQLPYSNINNRDQIIFMVGRGYLSPDLSKVRSNCPKAMKRLMAECLKKKRDERPLFPQILASIELLA
RSLPKIHRSA(SEP)EPSLNRAGFQTEDFSLYACASPKTPIQAGGYGAFPVH
;
B,C
#
# COMPACT_ATOMS: atom_id res chain seq x y z
N VAL A 3 -16.38 -29.65 -36.03
CA VAL A 3 -15.14 -29.09 -36.57
C VAL A 3 -14.03 -29.25 -35.54
N ASP A 4 -12.95 -29.90 -35.96
CA ASP A 4 -11.86 -30.23 -35.04
C ASP A 4 -11.04 -29.00 -34.64
N LYS A 5 -11.14 -27.90 -35.38
CA LYS A 5 -10.39 -26.71 -35.01
C LYS A 5 -11.03 -26.01 -33.81
N GLU A 6 -12.34 -25.76 -33.88
CA GLU A 6 -12.99 -24.92 -32.89
C GLU A 6 -13.07 -25.58 -31.53
N GLU A 7 -13.13 -26.91 -31.49
CA GLU A 7 -13.05 -27.59 -30.22
C GLU A 7 -11.65 -27.51 -29.62
N LEU A 8 -10.64 -27.29 -30.45
CA LEU A 8 -9.30 -27.12 -29.93
C LEU A 8 -9.02 -25.69 -29.52
N VAL A 9 -9.85 -24.73 -29.97
CA VAL A 9 -9.65 -23.36 -29.54
C VAL A 9 -10.59 -23.02 -28.37
N GLN A 10 -11.72 -23.69 -28.25
CA GLN A 10 -12.60 -23.45 -27.11
C GLN A 10 -11.99 -24.01 -25.85
N ARG A 11 -11.27 -25.13 -25.96
CA ARG A 11 -10.54 -25.66 -24.81
C ARG A 11 -9.36 -24.79 -24.43
N ALA A 12 -8.92 -23.91 -25.33
CA ALA A 12 -7.85 -22.99 -25.02
C ALA A 12 -8.31 -21.55 -24.96
N LYS A 13 -9.58 -21.26 -25.20
CA LYS A 13 -10.07 -19.92 -24.94
C LYS A 13 -10.59 -19.76 -23.52
N LEU A 14 -10.87 -20.87 -22.83
CA LEU A 14 -11.29 -20.77 -21.44
C LEU A 14 -10.19 -21.10 -20.46
N ALA A 15 -9.12 -21.75 -20.89
CA ALA A 15 -8.05 -22.07 -19.95
C ALA A 15 -7.23 -20.85 -19.60
N GLU A 16 -7.32 -19.76 -20.35
CA GLU A 16 -6.80 -18.49 -19.90
C GLU A 16 -7.84 -17.68 -19.15
N GLN A 17 -9.13 -17.86 -19.48
CA GLN A 17 -10.18 -17.23 -18.71
C GLN A 17 -10.25 -17.83 -17.32
N ALA A 18 -9.96 -19.11 -17.19
CA ALA A 18 -9.82 -19.70 -15.87
C ALA A 18 -8.45 -19.49 -15.27
N GLU A 19 -7.54 -18.87 -16.02
CA GLU A 19 -6.17 -18.56 -15.60
C GLU A 19 -5.41 -19.84 -15.19
N ARG A 20 -5.19 -20.68 -16.20
CA ARG A 20 -4.24 -21.79 -16.05
C ARG A 20 -3.60 -21.96 -17.41
N TYR A 21 -2.43 -21.35 -17.60
CA TYR A 21 -1.85 -21.23 -18.93
C TYR A 21 -1.11 -22.47 -19.36
N ASP A 22 -0.54 -23.21 -18.39
CA ASP A 22 0.28 -24.37 -18.73
C ASP A 22 -0.54 -25.46 -19.39
N ASP A 23 -1.79 -25.64 -18.96
CA ASP A 23 -2.70 -26.56 -19.62
C ASP A 23 -3.43 -25.90 -20.79
N MET A 24 -2.98 -24.73 -21.21
CA MET A 24 -3.38 -24.13 -22.46
C MET A 24 -2.25 -24.13 -23.48
N ALA A 25 -1.03 -23.86 -23.03
CA ALA A 25 0.15 -23.92 -23.90
C ALA A 25 0.33 -25.32 -24.48
N ALA A 26 0.10 -26.35 -23.67
CA ALA A 26 0.12 -27.72 -24.13
C ALA A 26 -1.12 -28.11 -24.93
N ALA A 27 -2.03 -27.18 -25.19
CA ALA A 27 -3.17 -27.46 -26.03
C ALA A 27 -3.54 -26.30 -26.95
N MET A 28 -2.72 -25.25 -26.99
CA MET A 28 -2.85 -24.25 -28.04
C MET A 28 -1.96 -24.57 -29.24
N LYS A 29 -0.84 -25.26 -29.01
CA LYS A 29 0.02 -25.69 -30.09
C LYS A 29 -0.62 -26.73 -30.99
N GLU A 30 -1.71 -27.37 -30.55
CA GLU A 30 -2.30 -28.44 -31.31
C GLU A 30 -3.05 -27.97 -32.54
N VAL A 31 -3.33 -26.67 -32.67
CA VAL A 31 -3.94 -26.21 -33.90
C VAL A 31 -2.91 -26.06 -35.01
N THR A 32 -1.62 -26.07 -34.67
CA THR A 32 -0.55 -26.03 -35.66
C THR A 32 -0.32 -27.36 -36.34
N GLU A 33 -0.76 -28.47 -35.73
CA GLU A 33 -0.52 -29.77 -36.32
C GLU A 33 -1.40 -30.00 -37.55
N THR A 34 -2.55 -29.32 -37.61
CA THR A 34 -3.36 -29.24 -38.81
C THR A 34 -3.36 -27.80 -39.34
N GLY A 35 -2.21 -27.14 -39.25
CA GLY A 35 -2.14 -25.72 -39.45
C GLY A 35 -2.17 -25.28 -40.90
N VAL A 36 -3.36 -25.30 -41.51
CA VAL A 36 -3.51 -24.85 -42.88
C VAL A 36 -3.27 -23.35 -42.98
N GLU A 37 -4.10 -22.55 -42.31
CA GLU A 37 -3.91 -21.10 -42.25
C GLU A 37 -4.25 -20.62 -40.85
N LEU A 38 -3.24 -20.12 -40.13
CA LEU A 38 -3.49 -19.41 -38.88
C LEU A 38 -4.08 -18.04 -39.17
N SER A 39 -5.32 -17.82 -38.74
CA SER A 39 -5.88 -16.48 -38.80
C SER A 39 -5.39 -15.69 -37.60
N ASN A 40 -5.43 -14.36 -37.74
CA ASN A 40 -4.89 -13.48 -36.71
C ASN A 40 -5.71 -13.47 -35.43
N GLU A 41 -6.95 -13.96 -35.48
CA GLU A 41 -7.81 -13.92 -34.31
C GLU A 41 -7.54 -15.07 -33.36
N GLU A 42 -6.86 -16.11 -33.81
CA GLU A 42 -6.34 -17.14 -32.93
C GLU A 42 -4.83 -17.19 -32.94
N ARG A 43 -4.19 -16.39 -33.80
CA ARG A 43 -2.73 -16.32 -33.82
C ARG A 43 -2.19 -15.77 -32.52
N ASN A 44 -2.69 -14.61 -32.09
CA ASN A 44 -2.19 -14.01 -30.87
C ASN A 44 -2.62 -14.75 -29.63
N LEU A 45 -3.61 -15.65 -29.73
CA LEU A 45 -3.92 -16.56 -28.64
C LEU A 45 -2.73 -17.43 -28.30
N LEU A 46 -1.94 -17.81 -29.31
CA LEU A 46 -0.71 -18.53 -29.05
C LEU A 46 0.33 -17.63 -28.43
N SER A 47 0.29 -16.34 -28.76
CA SER A 47 1.31 -15.43 -28.26
C SER A 47 1.11 -15.16 -26.77
N VAL A 48 -0.14 -14.95 -26.35
CA VAL A 48 -0.45 -14.64 -24.96
C VAL A 48 -0.09 -15.81 -24.06
N ALA A 49 -0.30 -17.03 -24.55
CA ALA A 49 0.04 -18.25 -23.83
C ALA A 49 1.53 -18.34 -23.54
N TYR A 50 2.33 -18.42 -24.59
CA TYR A 50 3.77 -18.59 -24.44
C TYR A 50 4.47 -17.39 -23.84
N LYS A 51 3.89 -16.19 -23.92
CA LYS A 51 4.48 -15.06 -23.24
C LYS A 51 4.33 -15.20 -21.74
N ASN A 52 3.21 -15.77 -21.29
CA ASN A 52 2.92 -15.89 -19.87
C ASN A 52 3.47 -17.15 -19.24
N VAL A 53 3.69 -18.20 -20.02
CA VAL A 53 4.25 -19.43 -19.45
C VAL A 53 5.70 -19.23 -19.06
N VAL A 54 6.51 -18.71 -19.98
CA VAL A 54 7.91 -18.40 -19.63
C VAL A 54 7.95 -17.16 -18.75
N GLY A 55 6.93 -16.30 -18.84
CA GLY A 55 6.89 -15.07 -18.10
C GLY A 55 6.84 -15.25 -16.60
N ALA A 56 6.31 -16.36 -16.12
CA ALA A 56 6.42 -16.65 -14.70
C ALA A 56 7.82 -17.11 -14.36
N ARG A 57 8.47 -17.82 -15.28
CA ARG A 57 9.75 -18.45 -14.94
C ARG A 57 10.89 -17.45 -14.94
N ARG A 58 10.94 -16.58 -15.95
CA ARG A 58 12.02 -15.60 -16.00
C ARG A 58 11.85 -14.56 -14.90
N SER A 59 10.61 -14.27 -14.53
CA SER A 59 10.39 -13.43 -13.36
C SER A 59 10.78 -14.16 -12.10
N SER A 60 10.60 -15.48 -12.06
CA SER A 60 11.14 -16.25 -10.94
C SER A 60 12.64 -16.38 -11.05
N TRP A 61 13.17 -16.34 -12.27
CA TRP A 61 14.60 -16.49 -12.48
C TRP A 61 15.37 -15.29 -11.94
N ARG A 62 14.83 -14.09 -12.13
CA ARG A 62 15.55 -12.88 -11.76
C ARG A 62 15.65 -12.73 -10.26
N VAL A 63 14.66 -13.26 -9.53
CA VAL A 63 14.69 -13.17 -8.07
C VAL A 63 15.75 -14.09 -7.51
N ILE A 64 15.95 -15.26 -8.14
CA ILE A 64 16.95 -16.20 -7.64
C ILE A 64 18.36 -15.69 -7.92
N SER A 65 18.57 -15.08 -9.08
CA SER A 65 19.87 -14.50 -9.38
C SER A 65 20.16 -13.29 -8.51
N SER A 66 19.13 -12.53 -8.15
CA SER A 66 19.31 -11.42 -7.23
C SER A 66 19.69 -11.91 -5.84
N ILE A 67 19.23 -13.09 -5.47
CA ILE A 67 19.51 -13.61 -4.13
C ILE A 67 20.86 -14.30 -4.08
N GLU A 68 21.27 -14.97 -5.16
CA GLU A 68 22.49 -15.75 -5.12
C GLU A 68 23.72 -14.85 -5.12
N GLN A 69 23.63 -13.70 -5.78
CA GLN A 69 24.71 -12.72 -5.67
C GLN A 69 24.63 -11.89 -4.41
N LYS A 70 23.53 -11.99 -3.66
CA LYS A 70 23.49 -11.57 -2.26
C LYS A 70 24.04 -12.73 -1.44
N THR A 71 25.37 -12.85 -1.45
CA THR A 71 26.03 -14.02 -0.93
C THR A 71 26.16 -14.00 0.58
N GLU A 72 26.02 -12.83 1.20
CA GLU A 72 26.29 -12.60 2.63
C GLU A 72 27.69 -13.08 3.01
N GLY A 73 28.69 -12.47 2.36
CA GLY A 73 30.03 -12.98 2.42
C GLY A 73 30.15 -14.16 1.47
N SER A 74 30.26 -15.37 2.04
CA SER A 74 30.14 -16.61 1.26
C SER A 74 29.77 -17.71 2.26
N GLU A 75 28.49 -18.06 2.31
CA GLU A 75 28.03 -19.12 3.19
C GLU A 75 28.31 -20.48 2.57
N ARG A 76 28.25 -21.52 3.41
CA ARG A 76 28.39 -22.89 2.97
C ARG A 76 27.05 -23.51 2.61
N LYS A 77 26.08 -22.70 2.21
CA LYS A 77 24.75 -23.15 1.85
C LYS A 77 24.32 -22.70 0.48
N GLN A 78 24.80 -21.54 0.02
CA GLN A 78 24.31 -20.89 -1.19
C GLN A 78 24.63 -21.65 -2.47
N GLN A 79 25.44 -22.71 -2.40
CA GLN A 79 25.55 -23.62 -3.53
C GLN A 79 24.21 -24.33 -3.77
N MET A 80 23.41 -24.53 -2.71
CA MET A 80 22.08 -25.08 -2.89
C MET A 80 21.16 -24.07 -3.55
N ALA A 81 21.37 -22.77 -3.25
CA ALA A 81 20.71 -21.72 -4.02
C ALA A 81 21.16 -21.77 -5.47
N LYS A 82 22.44 -22.07 -5.70
CA LYS A 82 22.90 -22.30 -7.06
C LYS A 82 22.42 -23.65 -7.58
N GLU A 83 22.25 -24.64 -6.70
CA GLU A 83 21.68 -25.91 -7.15
C GLU A 83 20.21 -25.74 -7.48
N TYR A 84 19.49 -24.91 -6.71
CA TYR A 84 18.12 -24.59 -7.05
C TYR A 84 18.05 -23.69 -8.29
N ARG A 85 19.11 -22.93 -8.54
CA ARG A 85 19.14 -22.03 -9.69
C ARG A 85 19.07 -22.79 -11.00
N VAL A 86 19.73 -23.95 -11.06
CA VAL A 86 19.72 -24.76 -12.28
C VAL A 86 18.35 -25.37 -12.50
N LYS A 87 17.60 -25.61 -11.42
CA LYS A 87 16.28 -26.22 -11.52
C LYS A 87 15.26 -25.32 -12.23
N VAL A 88 15.49 -24.01 -12.24
CA VAL A 88 14.69 -23.14 -13.09
C VAL A 88 15.20 -23.19 -14.52
N GLU A 89 16.52 -23.21 -14.68
CA GLU A 89 17.12 -23.18 -16.00
C GLU A 89 16.83 -24.45 -16.78
N LYS A 90 16.63 -25.57 -16.09
CA LYS A 90 16.38 -26.83 -16.78
C LYS A 90 15.07 -26.80 -17.54
N GLU A 91 14.00 -26.32 -16.90
CA GLU A 91 12.73 -26.19 -17.59
C GLU A 91 12.58 -24.84 -18.25
N LEU A 92 13.57 -23.96 -18.13
CA LEU A 92 13.62 -22.81 -19.01
C LEU A 92 13.97 -23.23 -20.43
N ARG A 93 14.95 -24.12 -20.56
CA ARG A 93 15.32 -24.59 -21.88
C ARG A 93 14.27 -25.53 -22.46
N GLU A 94 13.48 -26.20 -21.62
CA GLU A 94 12.52 -27.15 -22.13
C GLU A 94 11.16 -26.52 -22.42
N ILE A 95 10.96 -25.26 -22.06
CA ILE A 95 9.69 -24.57 -22.31
C ILE A 95 9.77 -23.69 -23.55
N CYS A 96 10.98 -23.43 -24.05
CA CYS A 96 11.17 -22.59 -25.21
C CYS A 96 11.43 -23.38 -26.48
N TYR A 97 12.09 -24.54 -26.35
CA TYR A 97 12.57 -25.31 -27.50
C TYR A 97 11.44 -25.73 -28.42
N ASP A 98 10.27 -26.00 -27.86
CA ASP A 98 9.14 -26.31 -28.70
C ASP A 98 8.63 -25.09 -29.43
N VAL A 99 8.71 -23.91 -28.82
CA VAL A 99 8.11 -22.70 -29.38
C VAL A 99 8.84 -22.29 -30.65
N LEU A 100 10.14 -22.03 -30.54
CA LEU A 100 10.99 -21.86 -31.70
C LEU A 100 10.99 -23.09 -32.58
N GLY A 101 10.83 -24.28 -31.98
CA GLY A 101 10.76 -25.49 -32.75
C GLY A 101 9.51 -25.59 -33.61
N LEU A 102 8.36 -25.17 -33.07
CA LEU A 102 7.16 -25.31 -33.87
C LEU A 102 6.98 -24.18 -34.86
N LEU A 103 7.80 -23.14 -34.77
CA LEU A 103 7.66 -21.99 -35.67
C LEU A 103 8.15 -22.31 -37.07
N ASP A 104 9.44 -22.66 -37.19
CA ASP A 104 10.06 -22.89 -38.49
C ASP A 104 9.58 -24.16 -39.16
N LYS A 105 9.00 -25.11 -38.42
CA LYS A 105 8.47 -26.31 -39.05
C LYS A 105 7.15 -26.04 -39.72
N HIS A 106 6.28 -25.25 -39.10
CA HIS A 106 4.92 -25.10 -39.58
C HIS A 106 4.55 -23.68 -39.95
N LEU A 107 4.72 -22.73 -39.03
CA LEU A 107 4.06 -21.44 -39.17
C LEU A 107 4.75 -20.55 -40.20
N ILE A 108 6.07 -20.47 -40.13
CA ILE A 108 6.83 -19.67 -41.07
C ILE A 108 6.73 -20.21 -42.51
N PRO A 109 6.94 -21.54 -42.81
CA PRO A 109 6.80 -21.94 -44.21
C PRO A 109 5.37 -22.27 -44.63
N LYS A 110 4.41 -21.46 -44.18
CA LYS A 110 3.07 -21.40 -44.76
C LYS A 110 2.53 -20.00 -44.85
N ALA A 111 3.11 -19.04 -44.15
CA ALA A 111 2.57 -17.70 -44.01
C ALA A 111 2.70 -16.93 -45.31
N SER A 112 1.56 -16.62 -45.93
CA SER A 112 1.56 -15.89 -47.19
C SER A 112 1.58 -14.38 -47.00
N ASN A 113 1.01 -13.88 -45.90
CA ASN A 113 1.09 -12.44 -45.75
C ASN A 113 2.37 -12.03 -45.03
N PRO A 114 2.95 -10.90 -45.43
CA PRO A 114 4.14 -10.40 -44.73
C PRO A 114 3.86 -9.97 -43.30
N GLU A 115 2.61 -9.61 -42.98
CA GLU A 115 2.22 -9.30 -41.62
C GLU A 115 2.41 -10.50 -40.71
N SER A 116 2.07 -11.67 -41.22
CA SER A 116 2.36 -12.90 -40.49
C SER A 116 3.85 -13.17 -40.44
N LYS A 117 4.57 -12.90 -41.54
CA LYS A 117 5.98 -13.24 -41.62
C LYS A 117 6.81 -12.44 -40.64
N VAL A 118 6.44 -11.18 -40.41
CA VAL A 118 7.19 -10.39 -39.44
C VAL A 118 6.79 -10.80 -38.03
N PHE A 119 5.55 -11.24 -37.84
CA PHE A 119 5.10 -11.69 -36.53
C PHE A 119 5.85 -12.95 -36.11
N TYR A 120 5.87 -13.96 -36.96
CA TYR A 120 6.44 -15.23 -36.58
C TYR A 120 7.96 -15.14 -36.47
N LEU A 121 8.59 -14.31 -37.29
CA LEU A 121 10.05 -14.19 -37.20
C LEU A 121 10.46 -13.37 -35.99
N LYS A 122 9.62 -12.43 -35.56
CA LYS A 122 9.93 -11.68 -34.34
C LYS A 122 9.86 -12.58 -33.13
N MET A 123 8.76 -13.33 -33.02
CA MET A 123 8.62 -14.30 -31.96
C MET A 123 9.67 -15.39 -32.07
N LYS A 124 10.11 -15.70 -33.30
CA LYS A 124 11.29 -16.55 -33.48
C LYS A 124 12.52 -15.90 -32.88
N GLY A 125 12.70 -14.61 -33.09
CA GLY A 125 13.86 -13.96 -32.51
C GLY A 125 13.77 -13.79 -31.03
N ASP A 126 12.56 -13.74 -30.47
CA ASP A 126 12.39 -13.38 -29.07
C ASP A 126 12.91 -14.47 -28.15
N TYR A 127 12.55 -15.72 -28.41
CA TYR A 127 12.88 -16.77 -27.44
C TYR A 127 14.35 -17.16 -27.43
N TYR A 128 15.18 -16.51 -28.23
CA TYR A 128 16.61 -16.55 -27.98
C TYR A 128 17.02 -15.48 -26.98
N ARG A 129 16.29 -14.35 -26.93
CA ARG A 129 16.66 -13.30 -26.01
C ARG A 129 16.45 -13.74 -24.57
N TYR A 130 15.29 -14.35 -24.29
CA TYR A 130 15.05 -14.93 -22.98
C TYR A 130 15.98 -16.10 -22.72
N LEU A 131 16.50 -16.71 -23.78
CA LEU A 131 17.57 -17.69 -23.70
C LEU A 131 18.95 -17.07 -23.72
N ALA A 132 19.06 -15.77 -24.00
CA ALA A 132 20.37 -15.15 -23.99
C ALA A 132 20.88 -14.91 -22.58
N GLU A 133 20.03 -14.37 -21.70
CA GLU A 133 20.51 -14.07 -20.35
C GLU A 133 20.75 -15.34 -19.54
N VAL A 134 20.00 -16.41 -19.85
CA VAL A 134 20.21 -17.67 -19.14
C VAL A 134 21.38 -18.46 -19.73
N ALA A 135 21.91 -18.03 -20.89
CA ALA A 135 22.88 -18.82 -21.62
C ALA A 135 24.19 -18.95 -20.86
N THR A 136 24.85 -17.81 -20.60
CA THR A 136 25.98 -17.66 -19.67
C THR A 136 27.17 -18.56 -20.06
N GLY A 137 27.76 -18.26 -21.21
CA GLY A 137 28.97 -18.93 -21.61
C GLY A 137 29.28 -18.79 -23.08
N GLU A 138 29.70 -19.89 -23.73
CA GLU A 138 29.81 -19.87 -25.18
C GLU A 138 28.44 -19.93 -25.82
N THR A 139 27.43 -20.39 -25.08
CA THR A 139 26.06 -20.33 -25.56
C THR A 139 25.60 -18.89 -25.71
N ARG A 140 26.11 -18.00 -24.86
CA ARG A 140 25.83 -16.57 -24.98
C ARG A 140 26.39 -16.03 -26.29
N ASN A 141 27.56 -16.48 -26.69
CA ASN A 141 28.10 -16.04 -27.97
C ASN A 141 27.79 -16.98 -29.11
N SER A 142 26.71 -17.74 -29.05
CA SER A 142 26.24 -18.48 -30.20
C SER A 142 24.76 -18.28 -30.51
N VAL A 143 23.91 -18.12 -29.50
CA VAL A 143 22.48 -18.02 -29.76
C VAL A 143 22.05 -16.61 -30.12
N VAL A 144 22.87 -15.59 -29.81
CA VAL A 144 22.37 -14.24 -29.98
C VAL A 144 22.51 -13.78 -31.41
N GLU A 145 23.47 -14.31 -32.16
CA GLU A 145 23.54 -13.99 -33.57
C GLU A 145 22.44 -14.67 -34.36
N ASP A 146 21.95 -15.83 -33.88
CA ASP A 146 20.78 -16.46 -34.47
C ASP A 146 19.59 -15.53 -34.37
N SER A 147 19.40 -14.92 -33.21
CA SER A 147 18.35 -13.94 -33.04
C SER A 147 18.64 -12.67 -33.81
N GLN A 148 19.92 -12.31 -33.93
CA GLN A 148 20.30 -11.07 -34.59
C GLN A 148 19.91 -11.09 -36.06
N LYS A 149 20.22 -12.18 -36.75
CA LYS A 149 19.78 -12.33 -38.13
C LYS A 149 18.27 -12.58 -38.21
N ALA A 150 17.70 -13.23 -37.19
CA ALA A 150 16.25 -13.35 -37.12
C ALA A 150 15.60 -11.99 -36.94
N TYR A 151 16.22 -11.14 -36.13
CA TYR A 151 15.78 -9.76 -36.09
C TYR A 151 16.11 -9.05 -37.39
N GLN A 152 17.28 -9.33 -37.97
CA GLN A 152 17.65 -8.65 -39.20
C GLN A 152 16.83 -9.14 -40.39
N ASP A 153 16.42 -10.40 -40.39
CA ASP A 153 15.44 -10.83 -41.37
C ASP A 153 14.08 -10.21 -41.11
N ALA A 154 13.78 -9.89 -39.85
CA ALA A 154 12.49 -9.30 -39.52
C ALA A 154 12.38 -7.86 -40.00
N PHE A 155 13.50 -7.20 -40.30
CA PHE A 155 13.43 -5.77 -40.58
C PHE A 155 12.93 -5.48 -41.98
N GLU A 156 13.42 -6.23 -42.98
CA GLU A 156 13.15 -5.91 -44.38
C GLU A 156 11.69 -6.10 -44.73
N ILE A 157 11.05 -7.12 -44.12
CA ILE A 157 9.62 -7.32 -44.30
C ILE A 157 8.82 -6.25 -43.56
N SER A 158 9.46 -5.51 -42.64
CA SER A 158 8.77 -4.44 -41.93
C SER A 158 9.14 -3.05 -42.42
N LYS A 159 10.38 -2.82 -42.86
CA LYS A 159 10.77 -1.50 -43.35
C LYS A 159 10.02 -1.15 -44.63
N ALA A 160 10.25 -1.93 -45.69
CA ALA A 160 9.24 -2.02 -46.73
C ALA A 160 8.20 -3.04 -46.31
N LYS A 161 7.09 -3.08 -47.06
CA LYS A 161 6.01 -4.06 -46.90
C LYS A 161 5.33 -4.01 -45.53
N MET A 162 5.32 -2.83 -44.89
CA MET A 162 4.51 -2.62 -43.70
C MET A 162 4.27 -1.13 -43.51
N GLN A 163 3.25 -0.82 -42.72
CA GLN A 163 2.92 0.54 -42.35
C GLN A 163 4.05 1.18 -41.56
N PRO A 164 4.17 2.52 -41.61
CA PRO A 164 5.08 3.20 -40.67
C PRO A 164 4.59 3.18 -39.24
N THR A 165 3.30 2.93 -39.00
CA THR A 165 2.73 2.94 -37.66
C THR A 165 2.07 1.61 -37.29
N HIS A 166 2.44 0.53 -37.96
CA HIS A 166 1.88 -0.77 -37.60
C HIS A 166 2.46 -1.23 -36.28
N PRO A 167 1.62 -1.63 -35.32
CA PRO A 167 2.12 -1.88 -33.96
C PRO A 167 3.04 -3.07 -33.85
N ILE A 168 2.99 -4.00 -34.80
CA ILE A 168 3.96 -5.07 -34.83
C ILE A 168 5.32 -4.55 -35.25
N ARG A 169 5.35 -3.64 -36.22
CA ARG A 169 6.62 -3.03 -36.61
C ARG A 169 7.13 -2.10 -35.53
N LEU A 170 6.24 -1.28 -34.96
CA LEU A 170 6.63 -0.41 -33.87
C LEU A 170 7.05 -1.21 -32.66
N GLY A 171 6.38 -2.34 -32.41
CA GLY A 171 6.78 -3.19 -31.31
C GLY A 171 8.08 -3.91 -31.54
N LEU A 172 8.45 -4.10 -32.81
CA LEU A 172 9.66 -4.84 -33.13
C LEU A 172 10.91 -4.05 -32.78
N ALA A 173 10.97 -2.80 -33.26
CA ALA A 173 12.08 -1.92 -32.90
C ALA A 173 12.05 -1.60 -31.41
N LEU A 174 10.85 -1.54 -30.83
CA LEU A 174 10.73 -1.51 -29.38
C LEU A 174 11.35 -2.75 -28.76
N ASN A 175 11.07 -3.92 -29.33
CA ASN A 175 11.66 -5.13 -28.79
C ASN A 175 13.15 -5.18 -29.06
N PHE A 176 13.56 -4.85 -30.29
CA PHE A 176 14.95 -5.00 -30.66
C PHE A 176 15.85 -3.96 -30.02
N SER A 177 15.28 -2.87 -29.54
CA SER A 177 16.11 -1.91 -28.80
C SER A 177 16.60 -2.52 -27.50
N VAL A 178 15.79 -3.40 -26.89
CA VAL A 178 16.16 -3.99 -25.62
C VAL A 178 17.23 -5.05 -25.80
N PHE A 179 17.38 -5.56 -27.03
CA PHE A 179 18.43 -6.52 -27.36
C PHE A 179 19.81 -5.94 -27.05
N TYR A 180 20.13 -4.81 -27.66
CA TYR A 180 21.51 -4.37 -27.83
C TYR A 180 22.17 -4.01 -26.51
N TYR A 181 21.38 -3.62 -25.51
CA TYR A 181 22.01 -3.18 -24.27
C TYR A 181 22.42 -4.36 -23.40
N GLU A 182 21.51 -5.25 -23.05
CA GLU A 182 21.87 -6.32 -22.14
C GLU A 182 22.32 -7.57 -22.85
N ILE A 183 22.66 -7.47 -24.13
CA ILE A 183 23.33 -8.54 -24.86
C ILE A 183 24.63 -8.05 -25.48
N LEU A 184 24.57 -6.96 -26.23
CA LEU A 184 25.71 -6.47 -26.98
C LEU A 184 26.30 -5.18 -26.44
N ASN A 185 25.66 -4.58 -25.43
CA ASN A 185 26.25 -3.52 -24.59
C ASN A 185 26.57 -2.26 -25.39
N SER A 186 25.58 -1.73 -26.10
CA SER A 186 25.77 -0.57 -26.95
C SER A 186 24.51 0.28 -26.97
N PRO A 187 24.41 1.24 -26.05
CA PRO A 187 23.23 2.14 -26.07
C PRO A 187 23.22 3.08 -27.24
N ASP A 188 24.39 3.36 -27.85
CA ASP A 188 24.44 4.25 -29.00
C ASP A 188 23.77 3.64 -30.22
N LYS A 189 23.90 2.32 -30.40
CA LYS A 189 23.05 1.64 -31.36
C LYS A 189 21.60 1.67 -30.90
N ALA A 190 21.39 1.50 -29.59
CA ALA A 190 20.03 1.39 -29.07
C ALA A 190 19.28 2.70 -29.14
N CYS A 191 19.97 3.80 -28.83
CA CYS A 191 19.33 5.11 -28.95
C CYS A 191 19.06 5.44 -30.41
N GLN A 192 20.05 5.18 -31.28
CA GLN A 192 19.90 5.51 -32.69
C GLN A 192 18.91 4.60 -33.40
N LEU A 193 18.63 3.43 -32.85
CA LEU A 193 17.61 2.58 -33.45
C LEU A 193 16.21 3.00 -33.00
N ALA A 194 16.11 3.55 -31.80
CA ALA A 194 14.79 3.83 -31.24
C ALA A 194 14.25 5.15 -31.74
N LYS A 195 15.11 6.16 -31.83
CA LYS A 195 14.69 7.54 -32.09
C LYS A 195 14.04 7.69 -33.46
N GLN A 196 14.46 6.86 -34.41
CA GLN A 196 14.01 6.99 -35.79
C GLN A 196 12.53 6.66 -35.92
N ALA A 197 12.17 5.41 -35.61
CA ALA A 197 10.77 4.98 -35.65
C ALA A 197 9.92 5.68 -34.62
N PHE A 198 10.54 6.19 -33.55
CA PHE A 198 9.84 7.09 -32.63
C PHE A 198 9.34 8.33 -33.35
N ASP A 199 10.23 8.98 -34.11
CA ASP A 199 9.84 10.18 -34.82
C ASP A 199 9.08 9.88 -36.09
N ASP A 200 9.29 8.68 -36.67
CA ASP A 200 8.66 8.35 -37.95
C ASP A 200 7.15 8.13 -37.80
N ALA A 201 6.70 7.79 -36.60
CA ALA A 201 5.28 7.49 -36.37
C ALA A 201 4.53 8.62 -35.70
N ILE A 202 5.20 9.42 -34.86
CA ILE A 202 4.60 10.66 -34.36
C ILE A 202 4.30 11.59 -35.52
N ALA A 203 5.23 11.69 -36.46
CA ALA A 203 4.92 12.27 -37.75
C ALA A 203 3.87 11.41 -38.45
N GLU A 204 2.89 12.09 -39.06
CA GLU A 204 1.72 11.49 -39.69
C GLU A 204 0.93 10.61 -38.71
N LEU A 205 0.48 11.24 -37.63
CA LEU A 205 -0.59 10.72 -36.80
C LEU A 205 -1.94 11.26 -37.22
N ASP A 206 -2.10 11.60 -38.49
CA ASP A 206 -3.29 12.32 -38.92
C ASP A 206 -4.46 11.39 -39.13
N THR A 207 -4.36 10.51 -40.11
CA THR A 207 -5.53 9.81 -40.61
C THR A 207 -5.80 8.48 -39.93
N LEU A 208 -5.00 8.09 -38.95
CA LEU A 208 -5.21 6.79 -38.32
C LEU A 208 -6.39 6.85 -37.39
N ASN A 209 -7.12 5.75 -37.32
CA ASN A 209 -8.17 5.61 -36.33
C ASN A 209 -7.58 5.50 -34.93
N GLU A 210 -8.39 5.86 -33.93
CA GLU A 210 -7.89 6.03 -32.58
C GLU A 210 -7.55 4.73 -31.88
N ASP A 211 -8.15 3.60 -32.29
CA ASP A 211 -7.84 2.33 -31.64
C ASP A 211 -6.46 1.83 -32.06
N SER A 212 -6.07 2.10 -33.30
CA SER A 212 -4.69 1.89 -33.68
C SER A 212 -3.80 2.93 -33.04
N TYR A 213 -4.32 4.13 -32.82
CA TYR A 213 -3.60 5.14 -32.05
C TYR A 213 -3.52 4.75 -30.58
N LYS A 214 -4.48 3.98 -30.08
CA LYS A 214 -4.54 3.64 -28.65
C LYS A 214 -3.34 2.81 -28.21
N ASP A 215 -3.22 1.60 -28.75
CA ASP A 215 -2.17 0.68 -28.31
C ASP A 215 -0.79 1.14 -28.77
N SER A 216 -0.71 1.86 -29.88
CA SER A 216 0.59 2.33 -30.33
C SER A 216 1.13 3.43 -29.42
N THR A 217 0.26 4.25 -28.84
CA THR A 217 0.72 5.16 -27.80
C THR A 217 1.10 4.42 -26.53
N LEU A 218 0.55 3.23 -26.30
CA LEU A 218 0.95 2.45 -25.13
C LEU A 218 2.36 1.90 -25.28
N ILE A 219 2.92 1.86 -26.49
CA ILE A 219 4.30 1.48 -26.67
C ILE A 219 5.18 2.65 -27.11
N MET A 220 4.62 3.68 -27.74
CA MET A 220 5.43 4.85 -28.03
C MET A 220 5.86 5.55 -26.75
N GLN A 221 4.97 5.61 -25.75
CA GLN A 221 5.38 6.12 -24.45
C GLN A 221 6.28 5.13 -23.71
N LEU A 222 6.23 3.85 -24.08
CA LEU A 222 7.20 2.89 -23.57
C LEU A 222 8.55 3.09 -24.21
N LEU A 223 8.60 3.72 -25.39
CA LEU A 223 9.87 4.07 -25.97
C LEU A 223 10.50 5.25 -25.27
N ARG A 224 9.68 6.13 -24.68
CA ARG A 224 10.22 7.28 -23.96
C ARG A 224 10.94 6.84 -22.69
N ASP A 225 10.24 6.09 -21.84
CA ASP A 225 10.82 5.61 -20.58
C ASP A 225 11.90 4.57 -20.81
N ASN A 226 12.00 4.01 -22.01
CA ASN A 226 13.18 3.23 -22.35
C ASN A 226 14.34 4.13 -22.74
N LEU A 227 14.06 5.21 -23.49
CA LEU A 227 15.12 6.09 -23.96
C LEU A 227 15.76 6.87 -22.82
N THR A 228 14.96 7.26 -21.83
CA THR A 228 15.47 8.07 -20.74
C THR A 228 16.38 7.29 -19.81
N LEU A 229 16.28 5.96 -19.80
CA LEU A 229 17.30 5.16 -19.15
C LEU A 229 18.60 5.17 -19.94
N TRP A 230 18.51 5.39 -21.26
CA TRP A 230 19.70 5.28 -22.10
C TRP A 230 20.46 6.60 -22.18
N THR A 231 19.75 7.73 -22.25
CA THR A 231 20.43 9.01 -22.21
C THR A 231 21.01 9.30 -20.83
N SER A 232 20.49 8.66 -19.78
CA SER A 232 21.08 8.79 -18.45
C SER A 232 22.36 8.02 -18.29
N ASP A 233 22.69 7.14 -19.23
CA ASP A 233 23.94 6.38 -19.16
C ASP A 233 24.59 6.28 -20.53
N ASP B 4 19.90 -31.90 4.53
CA ASP B 4 19.52 -32.93 5.47
C ASP B 4 18.19 -32.59 6.15
N LYS B 5 18.26 -31.77 7.19
CA LYS B 5 17.05 -31.34 7.89
C LYS B 5 16.84 -29.84 7.85
N GLU B 6 17.82 -29.05 8.31
CA GLU B 6 17.64 -27.61 8.36
C GLU B 6 17.73 -26.99 6.98
N GLU B 7 18.61 -27.52 6.14
CA GLU B 7 18.72 -27.05 4.76
C GLU B 7 17.49 -27.42 3.95
N LEU B 8 16.80 -28.49 4.36
CA LEU B 8 15.56 -28.86 3.69
C LEU B 8 14.47 -27.84 3.94
N VAL B 9 14.46 -27.21 5.13
CA VAL B 9 13.57 -26.09 5.39
C VAL B 9 13.96 -24.91 4.50
N GLN B 10 15.27 -24.71 4.33
CA GLN B 10 15.79 -23.59 3.56
C GLN B 10 15.41 -23.69 2.09
N ARG B 11 15.19 -24.91 1.60
CA ARG B 11 14.80 -25.10 0.20
C ARG B 11 13.45 -24.47 -0.09
N ALA B 12 12.45 -24.76 0.74
CA ALA B 12 11.14 -24.16 0.51
C ALA B 12 11.12 -22.70 0.91
N LYS B 13 11.92 -22.32 1.91
CA LYS B 13 11.97 -20.91 2.31
C LYS B 13 12.59 -20.07 1.22
N LEU B 14 13.53 -20.64 0.46
CA LEU B 14 14.01 -19.98 -0.74
C LEU B 14 12.91 -19.87 -1.78
N ALA B 15 12.08 -20.91 -1.90
CA ALA B 15 11.02 -20.90 -2.89
C ALA B 15 9.83 -20.06 -2.45
N GLU B 16 9.84 -19.57 -1.22
CA GLU B 16 8.74 -18.76 -0.71
C GLU B 16 8.65 -17.43 -1.45
N GLN B 17 9.75 -16.68 -1.48
CA GLN B 17 9.78 -15.45 -2.26
C GLN B 17 9.97 -15.70 -3.75
N ALA B 18 10.32 -16.92 -4.14
CA ALA B 18 10.44 -17.22 -5.56
C ALA B 18 9.10 -17.39 -6.24
N GLU B 19 8.01 -17.50 -5.46
CA GLU B 19 6.62 -17.57 -5.94
C GLU B 19 6.37 -18.78 -6.85
N ARG B 20 7.04 -19.90 -6.58
CA ARG B 20 6.74 -21.17 -7.22
C ARG B 20 6.34 -22.13 -6.11
N TYR B 21 5.04 -22.13 -5.80
CA TYR B 21 4.54 -22.78 -4.59
C TYR B 21 4.51 -24.28 -4.67
N ASP B 22 4.54 -24.86 -5.88
CA ASP B 22 4.43 -26.30 -6.01
C ASP B 22 5.65 -27.00 -5.44
N ASP B 23 6.84 -26.51 -5.76
CA ASP B 23 8.05 -27.05 -5.15
C ASP B 23 8.17 -26.64 -3.71
N MET B 24 7.49 -25.56 -3.31
CA MET B 24 7.45 -25.18 -1.91
C MET B 24 6.70 -26.20 -1.09
N ALA B 25 5.59 -26.71 -1.64
CA ALA B 25 4.81 -27.71 -0.92
C ALA B 25 5.54 -29.03 -0.85
N ALA B 26 6.24 -29.41 -1.91
CA ALA B 26 6.87 -30.72 -1.96
C ALA B 26 8.07 -30.80 -1.02
N ALA B 27 8.71 -29.67 -0.73
CA ALA B 27 9.84 -29.70 0.18
C ALA B 27 9.42 -29.83 1.64
N MET B 28 8.24 -29.33 1.99
CA MET B 28 7.84 -29.31 3.39
C MET B 28 7.40 -30.67 3.88
N LYS B 29 6.69 -31.43 3.04
CA LYS B 29 6.27 -32.76 3.43
C LYS B 29 7.44 -33.72 3.55
N GLU B 30 8.56 -33.42 2.92
CA GLU B 30 9.66 -34.37 2.90
C GLU B 30 10.44 -34.40 4.21
N VAL B 31 10.48 -33.29 4.95
CA VAL B 31 11.19 -33.31 6.22
C VAL B 31 10.35 -34.01 7.29
N THR B 32 9.03 -34.11 7.08
CA THR B 32 8.08 -34.62 8.06
C THR B 32 8.14 -36.12 8.24
N GLU B 33 9.01 -36.83 7.51
CA GLU B 33 9.11 -38.27 7.69
C GLU B 33 9.77 -38.65 8.99
N THR B 34 10.60 -37.77 9.54
CA THR B 34 11.18 -38.00 10.86
C THR B 34 10.24 -37.47 11.93
N GLY B 35 10.34 -38.05 13.13
CA GLY B 35 9.49 -37.65 14.23
C GLY B 35 10.07 -36.48 14.99
N VAL B 36 9.56 -35.28 14.72
CA VAL B 36 10.20 -34.05 15.16
C VAL B 36 9.37 -33.31 16.21
N GLU B 37 8.04 -33.35 16.09
CA GLU B 37 7.12 -32.37 16.68
C GLU B 37 7.57 -30.96 16.30
N LEU B 38 7.39 -30.70 15.00
CA LEU B 38 7.93 -29.51 14.32
C LEU B 38 7.50 -28.21 14.97
N SER B 39 8.36 -27.21 14.86
CA SER B 39 8.15 -25.97 15.57
C SER B 39 7.34 -25.00 14.73
N ASN B 40 7.10 -23.81 15.29
CA ASN B 40 6.28 -22.78 14.68
C ASN B 40 7.03 -21.99 13.61
N GLU B 41 8.25 -22.37 13.28
CA GLU B 41 8.92 -21.80 12.12
C GLU B 41 8.78 -22.67 10.89
N GLU B 42 8.18 -23.85 11.03
CA GLU B 42 8.00 -24.80 9.94
C GLU B 42 6.55 -25.16 9.69
N ARG B 43 5.75 -25.34 10.74
CA ARG B 43 4.36 -25.74 10.55
C ARG B 43 3.52 -24.62 9.96
N ASN B 44 3.96 -23.38 10.10
CA ASN B 44 3.28 -22.26 9.44
C ASN B 44 3.50 -22.27 7.94
N LEU B 45 4.61 -22.82 7.48
CA LEU B 45 4.97 -22.77 6.07
C LEU B 45 4.08 -23.66 5.21
N LEU B 46 3.49 -24.70 5.79
CA LEU B 46 2.63 -25.56 5.00
C LEU B 46 1.28 -24.92 4.74
N SER B 47 0.83 -24.06 5.65
CA SER B 47 -0.48 -23.44 5.49
C SER B 47 -0.46 -22.39 4.39
N VAL B 48 0.64 -21.66 4.24
CA VAL B 48 0.73 -20.72 3.14
C VAL B 48 0.97 -21.48 1.83
N ALA B 49 1.68 -22.61 1.91
CA ALA B 49 1.89 -23.44 0.74
C ALA B 49 0.59 -24.07 0.26
N TYR B 50 0.00 -24.90 1.10
CA TYR B 50 -1.10 -25.73 0.65
C TYR B 50 -2.39 -24.96 0.46
N LYS B 51 -2.53 -23.76 1.05
CA LYS B 51 -3.67 -22.93 0.68
C LYS B 51 -3.46 -22.32 -0.68
N ASN B 52 -2.22 -22.17 -1.11
CA ASN B 52 -1.95 -21.57 -2.40
C ASN B 52 -1.98 -22.58 -3.53
N VAL B 53 -1.52 -23.81 -3.28
CA VAL B 53 -1.66 -24.87 -4.26
C VAL B 53 -3.13 -25.19 -4.48
N VAL B 54 -3.91 -25.22 -3.39
CA VAL B 54 -5.34 -25.47 -3.50
C VAL B 54 -6.04 -24.26 -4.10
N GLY B 55 -5.71 -23.08 -3.58
CA GLY B 55 -6.45 -21.87 -3.96
C GLY B 55 -6.23 -21.48 -5.40
N ALA B 56 -5.08 -21.83 -5.97
CA ALA B 56 -4.89 -21.64 -7.40
C ALA B 56 -5.80 -22.56 -8.19
N ARG B 57 -5.98 -23.79 -7.71
CA ARG B 57 -6.95 -24.67 -8.37
C ARG B 57 -8.36 -24.24 -8.06
N ARG B 58 -8.60 -23.80 -6.83
CA ARG B 58 -9.95 -23.54 -6.38
C ARG B 58 -10.50 -22.25 -7.00
N SER B 59 -9.65 -21.26 -7.18
CA SER B 59 -10.09 -20.04 -7.86
C SER B 59 -10.30 -20.26 -9.34
N SER B 60 -9.75 -21.34 -9.88
CA SER B 60 -10.12 -21.73 -11.23
C SER B 60 -11.35 -22.62 -11.26
N TRP B 61 -11.65 -23.31 -10.17
CA TRP B 61 -12.90 -24.06 -10.10
C TRP B 61 -14.08 -23.13 -10.08
N ARG B 62 -13.97 -22.02 -9.35
CA ARG B 62 -15.08 -21.12 -9.14
C ARG B 62 -15.45 -20.35 -10.40
N VAL B 63 -14.52 -20.22 -11.34
CA VAL B 63 -14.86 -19.59 -12.61
C VAL B 63 -15.26 -20.64 -13.65
N ILE B 64 -14.73 -21.85 -13.56
CA ILE B 64 -15.10 -22.88 -14.53
C ILE B 64 -16.51 -23.37 -14.25
N SER B 65 -16.85 -23.60 -12.99
CA SER B 65 -18.22 -23.93 -12.64
C SER B 65 -19.16 -22.76 -12.85
N SER B 66 -18.62 -21.54 -12.90
CA SER B 66 -19.43 -20.40 -13.33
C SER B 66 -19.69 -20.46 -14.83
N ILE B 67 -18.63 -20.63 -15.62
CA ILE B 67 -18.74 -20.44 -17.06
C ILE B 67 -19.46 -21.62 -17.72
N GLU B 68 -19.57 -22.76 -17.04
CA GLU B 68 -20.40 -23.82 -17.60
C GLU B 68 -21.87 -23.48 -17.45
N GLN B 69 -22.23 -22.77 -16.38
CA GLN B 69 -23.60 -22.32 -16.22
C GLN B 69 -23.87 -21.01 -16.93
N LYS B 70 -22.82 -20.32 -17.36
CA LYS B 70 -22.99 -19.03 -18.02
C LYS B 70 -23.55 -19.15 -19.43
N THR B 71 -23.60 -20.35 -20.00
CA THR B 71 -24.19 -20.53 -21.31
C THR B 71 -25.27 -21.59 -21.26
N GLU B 72 -26.31 -21.37 -22.07
CA GLU B 72 -27.35 -22.35 -22.35
C GLU B 72 -27.48 -22.40 -23.87
N GLY B 73 -26.61 -23.18 -24.50
CA GLY B 73 -26.55 -23.27 -25.94
C GLY B 73 -26.33 -24.70 -26.40
N SER B 74 -25.28 -24.92 -27.18
CA SER B 74 -24.97 -26.25 -27.69
C SER B 74 -24.49 -27.16 -26.56
N GLU B 75 -24.82 -28.44 -26.69
CA GLU B 75 -24.39 -29.45 -25.72
C GLU B 75 -22.93 -29.84 -25.89
N ARG B 76 -22.38 -29.64 -27.09
CA ARG B 76 -20.96 -29.93 -27.30
C ARG B 76 -20.08 -28.97 -26.52
N LYS B 77 -20.32 -27.67 -26.67
CA LYS B 77 -19.59 -26.67 -25.90
C LYS B 77 -19.93 -26.76 -24.42
N GLN B 78 -21.14 -27.21 -24.10
CA GLN B 78 -21.49 -27.47 -22.70
C GLN B 78 -20.68 -28.65 -22.17
N GLN B 79 -20.65 -29.75 -22.90
CA GLN B 79 -19.84 -30.88 -22.48
C GLN B 79 -18.35 -30.62 -22.67
N MET B 80 -17.99 -29.59 -23.45
CA MET B 80 -16.60 -29.16 -23.50
C MET B 80 -16.17 -28.56 -22.17
N ALA B 81 -17.09 -27.95 -21.44
CA ALA B 81 -16.74 -27.40 -20.14
C ALA B 81 -16.65 -28.49 -19.09
N LYS B 82 -17.57 -29.45 -19.13
CA LYS B 82 -17.63 -30.46 -18.08
C LYS B 82 -16.45 -31.41 -18.14
N GLU B 83 -15.87 -31.61 -19.32
CA GLU B 83 -14.66 -32.42 -19.40
C GLU B 83 -13.47 -31.68 -18.80
N TYR B 84 -13.45 -30.36 -18.87
CA TYR B 84 -12.37 -29.61 -18.24
C TYR B 84 -12.62 -29.38 -16.76
N ARG B 85 -13.89 -29.33 -16.35
CA ARG B 85 -14.19 -29.09 -14.94
C ARG B 85 -13.84 -30.27 -14.05
N VAL B 86 -13.60 -31.44 -14.62
CA VAL B 86 -13.16 -32.56 -13.80
C VAL B 86 -11.65 -32.65 -13.73
N LYS B 87 -10.94 -32.05 -14.70
CA LYS B 87 -9.48 -32.09 -14.67
C LYS B 87 -8.95 -31.30 -13.49
N VAL B 88 -9.57 -30.18 -13.18
CA VAL B 88 -9.23 -29.48 -11.94
C VAL B 88 -9.75 -30.26 -10.74
N GLU B 89 -10.93 -30.88 -10.89
CA GLU B 89 -11.55 -31.54 -9.75
C GLU B 89 -10.80 -32.82 -9.38
N LYS B 90 -10.38 -33.60 -10.38
CA LYS B 90 -9.54 -34.76 -10.10
C LYS B 90 -8.17 -34.34 -9.59
N GLU B 91 -7.71 -33.16 -9.99
CA GLU B 91 -6.45 -32.64 -9.46
C GLU B 91 -6.61 -32.22 -8.01
N LEU B 92 -7.75 -31.64 -7.66
CA LEU B 92 -7.89 -30.97 -6.38
C LEU B 92 -7.91 -31.96 -5.23
N ARG B 93 -8.51 -33.14 -5.46
CA ARG B 93 -8.65 -34.11 -4.38
C ARG B 93 -7.29 -34.70 -4.01
N GLU B 94 -6.47 -35.02 -5.01
CA GLU B 94 -5.20 -35.69 -4.78
C GLU B 94 -4.20 -34.83 -4.03
N ILE B 95 -4.41 -33.52 -4.00
CA ILE B 95 -3.56 -32.64 -3.20
C ILE B 95 -3.83 -32.85 -1.72
N CYS B 96 -5.11 -32.98 -1.35
CA CYS B 96 -5.48 -32.91 0.06
C CYS B 96 -5.10 -34.18 0.79
N TYR B 97 -5.19 -35.34 0.13
CA TYR B 97 -4.82 -36.59 0.80
C TYR B 97 -3.33 -36.65 1.08
N ASP B 98 -2.52 -35.95 0.27
CA ASP B 98 -1.11 -35.78 0.61
C ASP B 98 -0.97 -35.03 1.92
N VAL B 99 -1.79 -34.00 2.11
CA VAL B 99 -1.80 -33.31 3.40
C VAL B 99 -2.42 -34.21 4.45
N LEU B 100 -3.61 -34.75 4.16
CA LEU B 100 -4.41 -35.45 5.15
C LEU B 100 -3.74 -36.75 5.58
N GLY B 101 -3.25 -37.53 4.61
CA GLY B 101 -2.55 -38.76 4.92
C GLY B 101 -1.21 -38.54 5.61
N LEU B 102 -0.63 -37.36 5.45
CA LEU B 102 0.55 -37.01 6.22
C LEU B 102 0.22 -36.84 7.68
N LEU B 103 -0.74 -35.96 7.96
CA LEU B 103 -0.92 -35.47 9.32
C LEU B 103 -1.56 -36.50 10.22
N ASP B 104 -2.45 -37.35 9.71
CA ASP B 104 -3.10 -38.32 10.57
C ASP B 104 -2.19 -39.50 10.88
N LYS B 105 -1.33 -39.89 9.92
CA LYS B 105 -0.52 -41.10 10.08
C LYS B 105 0.56 -40.91 11.13
N HIS B 106 1.18 -39.75 11.16
CA HIS B 106 2.15 -39.53 12.22
C HIS B 106 1.96 -38.21 12.94
N LEU B 107 1.56 -37.14 12.24
CA LEU B 107 1.76 -35.81 12.78
C LEU B 107 0.71 -35.43 13.82
N ILE B 108 -0.55 -35.79 13.60
CA ILE B 108 -1.56 -35.61 14.65
C ILE B 108 -1.27 -36.43 15.90
N PRO B 109 -0.83 -37.69 15.83
CA PRO B 109 -0.34 -38.33 17.07
C PRO B 109 0.91 -37.68 17.63
N LYS B 110 1.74 -37.07 16.78
CA LYS B 110 2.83 -36.27 17.30
C LYS B 110 2.40 -34.86 17.66
N ALA B 111 1.19 -34.45 17.31
CA ALA B 111 0.68 -33.16 17.77
C ALA B 111 0.29 -33.24 19.23
N SER B 112 1.24 -33.00 20.13
CA SER B 112 1.06 -33.26 21.55
C SER B 112 0.51 -32.05 22.30
N ASN B 113 1.19 -30.92 22.20
CA ASN B 113 0.90 -29.80 23.07
C ASN B 113 -0.38 -29.10 22.63
N PRO B 114 -1.31 -28.80 23.54
CA PRO B 114 -2.59 -28.21 23.15
C PRO B 114 -2.51 -26.76 22.70
N GLU B 115 -1.35 -26.13 22.75
CA GLU B 115 -1.15 -24.90 22.00
C GLU B 115 -0.80 -25.17 20.54
N SER B 116 -0.62 -26.43 20.18
CA SER B 116 -0.23 -26.80 18.84
C SER B 116 -1.14 -27.90 18.30
N LYS B 117 -1.66 -28.74 19.20
CA LYS B 117 -2.53 -29.83 18.79
C LYS B 117 -3.86 -29.31 18.26
N VAL B 118 -4.26 -28.11 18.68
CA VAL B 118 -5.44 -27.47 18.15
C VAL B 118 -5.19 -27.00 16.72
N PHE B 119 -3.93 -26.73 16.38
CA PHE B 119 -3.63 -26.01 15.15
C PHE B 119 -3.83 -26.92 13.93
N TYR B 120 -3.37 -28.16 14.01
CA TYR B 120 -3.56 -29.07 12.88
C TYR B 120 -5.00 -29.52 12.76
N LEU B 121 -5.69 -29.63 13.90
CA LEU B 121 -7.10 -29.98 13.89
C LEU B 121 -7.94 -28.91 13.22
N LYS B 122 -7.50 -27.65 13.27
CA LYS B 122 -8.10 -26.63 12.42
C LYS B 122 -7.88 -26.96 10.96
N MET B 123 -6.64 -27.28 10.61
CA MET B 123 -6.31 -27.56 9.22
C MET B 123 -6.80 -28.92 8.76
N LYS B 124 -7.11 -29.83 9.70
CA LYS B 124 -7.53 -31.16 9.31
C LYS B 124 -8.89 -31.13 8.64
N GLY B 125 -9.91 -30.67 9.35
CA GLY B 125 -11.22 -30.60 8.75
C GLY B 125 -11.39 -29.49 7.74
N ASP B 126 -10.43 -28.56 7.67
CA ASP B 126 -10.59 -27.45 6.75
C ASP B 126 -10.44 -27.92 5.31
N TYR B 127 -9.52 -28.85 5.06
CA TYR B 127 -9.40 -29.39 3.72
C TYR B 127 -10.56 -30.31 3.39
N TYR B 128 -11.20 -30.89 4.42
CA TYR B 128 -12.41 -31.67 4.20
C TYR B 128 -13.52 -30.79 3.67
N ARG B 129 -13.61 -29.55 4.18
CA ARG B 129 -14.56 -28.59 3.65
C ARG B 129 -14.24 -28.23 2.21
N TYR B 130 -12.94 -28.17 1.90
CA TYR B 130 -12.53 -27.88 0.53
C TYR B 130 -12.98 -28.99 -0.40
N LEU B 131 -12.91 -30.24 0.05
CA LEU B 131 -13.49 -31.34 -0.71
C LEU B 131 -15.01 -31.28 -0.69
N ALA B 132 -15.60 -30.83 0.42
CA ALA B 132 -17.05 -30.85 0.54
C ALA B 132 -17.74 -29.77 -0.27
N GLU B 133 -17.00 -28.75 -0.71
CA GLU B 133 -17.58 -27.80 -1.66
C GLU B 133 -17.82 -28.46 -3.01
N VAL B 134 -16.95 -29.39 -3.39
CA VAL B 134 -16.95 -29.93 -4.73
C VAL B 134 -17.48 -31.37 -4.80
N ALA B 135 -17.29 -32.18 -3.76
CA ALA B 135 -17.70 -33.57 -3.81
C ALA B 135 -19.21 -33.69 -3.82
N THR B 136 -19.70 -34.67 -4.58
CA THR B 136 -21.11 -34.76 -4.94
C THR B 136 -21.65 -36.15 -4.62
N GLY B 137 -22.97 -36.26 -4.64
CA GLY B 137 -23.62 -37.52 -4.34
C GLY B 137 -23.52 -37.86 -2.86
N GLU B 138 -23.47 -39.16 -2.58
CA GLU B 138 -23.30 -39.63 -1.21
C GLU B 138 -21.89 -39.39 -0.69
N THR B 139 -20.93 -39.09 -1.58
CA THR B 139 -19.60 -38.69 -1.14
C THR B 139 -19.63 -37.37 -0.39
N ARG B 140 -20.59 -36.50 -0.74
CA ARG B 140 -20.71 -35.21 -0.07
C ARG B 140 -21.10 -35.39 1.39
N ASN B 141 -22.06 -36.28 1.67
CA ASN B 141 -22.53 -36.45 3.03
C ASN B 141 -21.54 -37.17 3.92
N SER B 142 -20.57 -37.87 3.34
CA SER B 142 -19.62 -38.64 4.13
C SER B 142 -18.43 -37.81 4.59
N VAL B 143 -18.32 -36.57 4.17
CA VAL B 143 -17.21 -35.72 4.60
C VAL B 143 -17.75 -34.52 5.36
N VAL B 144 -19.00 -34.13 5.05
CA VAL B 144 -19.65 -33.05 5.78
C VAL B 144 -19.86 -33.47 7.23
N GLU B 145 -20.35 -34.69 7.44
CA GLU B 145 -20.41 -35.25 8.79
C GLU B 145 -19.03 -35.56 9.34
N ASP B 146 -18.03 -35.68 8.47
CA ASP B 146 -16.65 -35.79 8.92
C ASP B 146 -15.98 -34.44 9.10
N SER B 147 -16.53 -33.37 8.53
CA SER B 147 -15.99 -32.05 8.76
C SER B 147 -16.24 -31.60 10.20
N GLN B 148 -17.51 -31.60 10.62
CA GLN B 148 -17.88 -31.15 11.96
C GLN B 148 -17.32 -32.07 13.03
N LYS B 149 -17.22 -33.36 12.73
CA LYS B 149 -16.59 -34.30 13.65
C LYS B 149 -15.11 -33.98 13.80
N ALA B 150 -14.49 -33.46 12.75
CA ALA B 150 -13.11 -32.98 12.82
C ALA B 150 -13.00 -31.54 13.27
N TYR B 151 -14.12 -30.83 13.40
CA TYR B 151 -14.16 -29.49 13.94
C TYR B 151 -14.49 -29.42 15.42
N GLN B 152 -15.44 -30.22 15.89
CA GLN B 152 -15.93 -30.08 17.26
C GLN B 152 -14.91 -30.57 18.27
N ASP B 153 -14.09 -31.54 17.90
CA ASP B 153 -13.06 -32.03 18.81
C ASP B 153 -11.85 -31.12 18.88
N ALA B 154 -11.84 -30.03 18.11
CA ALA B 154 -10.87 -28.97 18.25
C ALA B 154 -11.42 -27.80 19.03
N PHE B 155 -12.69 -27.46 18.79
CA PHE B 155 -13.35 -26.38 19.50
C PHE B 155 -13.51 -26.71 20.98
N GLU B 156 -13.60 -28.01 21.31
CA GLU B 156 -13.60 -28.42 22.70
C GLU B 156 -12.24 -28.21 23.35
N ILE B 157 -11.15 -28.30 22.57
CA ILE B 157 -9.84 -27.99 23.11
C ILE B 157 -9.68 -26.49 23.26
N SER B 158 -10.46 -25.70 22.52
CA SER B 158 -10.46 -24.26 22.71
C SER B 158 -11.08 -23.84 24.04
N LYS B 159 -11.82 -24.72 24.71
CA LYS B 159 -12.26 -24.42 26.07
C LYS B 159 -11.13 -24.61 27.06
N ALA B 160 -10.33 -25.67 26.89
CA ALA B 160 -9.15 -25.90 27.70
C ALA B 160 -7.92 -25.21 27.15
N LYS B 161 -8.08 -24.31 26.18
CA LYS B 161 -6.95 -23.58 25.62
C LYS B 161 -6.50 -22.50 26.59
N MET B 162 -5.47 -21.76 26.19
CA MET B 162 -4.88 -20.79 27.11
C MET B 162 -5.68 -19.48 27.13
N GLN B 163 -5.73 -18.78 26.00
CA GLN B 163 -6.26 -17.43 26.05
C GLN B 163 -7.51 -17.32 25.18
N PRO B 164 -8.54 -16.63 25.65
CA PRO B 164 -9.73 -16.43 24.82
C PRO B 164 -9.56 -15.42 23.70
N THR B 165 -8.38 -14.80 23.59
CA THR B 165 -8.02 -13.93 22.49
C THR B 165 -6.94 -14.52 21.59
N HIS B 166 -6.57 -15.77 21.81
CA HIS B 166 -5.50 -16.40 21.03
C HIS B 166 -5.95 -16.58 19.59
N PRO B 167 -5.10 -16.25 18.62
CA PRO B 167 -5.56 -16.17 17.21
C PRO B 167 -5.89 -17.51 16.60
N ILE B 168 -5.37 -18.61 17.15
CA ILE B 168 -5.84 -19.91 16.69
C ILE B 168 -7.25 -20.14 17.18
N ARG B 169 -7.57 -19.68 18.39
CA ARG B 169 -8.94 -19.82 18.90
C ARG B 169 -9.91 -18.91 18.15
N LEU B 170 -9.43 -17.76 17.69
CA LEU B 170 -10.25 -16.92 16.82
C LEU B 170 -10.44 -17.59 15.47
N GLY B 171 -9.33 -17.97 14.83
CA GLY B 171 -9.38 -18.50 13.48
C GLY B 171 -10.09 -19.83 13.36
N LEU B 172 -10.18 -20.58 14.46
CA LEU B 172 -11.02 -21.77 14.46
C LEU B 172 -12.48 -21.37 14.35
N ALA B 173 -12.89 -20.37 15.13
CA ALA B 173 -14.27 -19.93 15.14
C ALA B 173 -14.65 -19.26 13.83
N LEU B 174 -13.71 -18.55 13.23
CA LEU B 174 -13.96 -17.97 11.92
C LEU B 174 -14.07 -19.04 10.86
N ASN B 175 -13.28 -20.11 10.99
CA ASN B 175 -13.47 -21.26 10.11
C ASN B 175 -14.70 -22.07 10.50
N PHE B 176 -15.09 -22.04 11.78
CA PHE B 176 -16.22 -22.84 12.21
C PHE B 176 -17.51 -22.27 11.65
N SER B 177 -17.68 -20.95 11.78
CA SER B 177 -18.91 -20.29 11.38
C SER B 177 -19.06 -20.22 9.87
N VAL B 178 -17.95 -20.17 9.15
CA VAL B 178 -18.04 -20.09 7.70
C VAL B 178 -18.43 -21.43 7.11
N PHE B 179 -18.26 -22.51 7.88
CA PHE B 179 -18.76 -23.80 7.43
C PHE B 179 -20.28 -23.82 7.41
N TYR B 180 -20.90 -23.34 8.49
CA TYR B 180 -22.31 -23.60 8.73
C TYR B 180 -23.19 -22.82 7.76
N TYR B 181 -22.70 -21.69 7.27
CA TYR B 181 -23.49 -20.97 6.29
C TYR B 181 -23.30 -21.53 4.89
N GLU B 182 -22.08 -21.88 4.53
CA GLU B 182 -21.79 -22.18 3.14
C GLU B 182 -22.13 -23.63 2.79
N ILE B 183 -21.74 -24.56 3.66
CA ILE B 183 -21.82 -25.98 3.30
C ILE B 183 -23.09 -26.60 3.84
N LEU B 184 -23.23 -26.61 5.16
CA LEU B 184 -24.38 -27.21 5.80
C LEU B 184 -25.66 -26.45 5.52
N ASN B 185 -25.54 -25.14 5.24
CA ASN B 185 -26.66 -24.21 5.02
C ASN B 185 -27.55 -24.17 6.26
N SER B 186 -26.97 -23.72 7.36
CA SER B 186 -27.69 -23.51 8.60
C SER B 186 -27.42 -22.08 9.06
N PRO B 187 -28.14 -21.10 8.51
CA PRO B 187 -27.88 -19.71 8.90
C PRO B 187 -28.33 -19.38 10.30
N ASP B 188 -29.19 -20.20 10.89
CA ASP B 188 -29.61 -19.97 12.27
C ASP B 188 -28.48 -20.26 13.25
N LYS B 189 -27.70 -21.31 13.00
CA LYS B 189 -26.52 -21.57 13.81
C LYS B 189 -25.29 -20.81 13.33
N ALA B 190 -25.42 -20.05 12.25
CA ALA B 190 -24.27 -19.34 11.71
C ALA B 190 -23.88 -18.19 12.62
N CYS B 191 -24.79 -17.22 12.79
CA CYS B 191 -24.53 -16.06 13.62
C CYS B 191 -24.41 -16.39 15.11
N GLN B 192 -24.80 -17.59 15.52
CA GLN B 192 -24.63 -18.00 16.90
C GLN B 192 -23.15 -18.19 17.24
N LEU B 193 -22.38 -18.79 16.34
CA LEU B 193 -20.97 -19.03 16.62
C LEU B 193 -20.15 -17.76 16.59
N ALA B 194 -20.48 -16.82 15.72
CA ALA B 194 -19.71 -15.59 15.65
C ALA B 194 -19.98 -14.71 16.85
N LYS B 195 -21.24 -14.62 17.26
CA LYS B 195 -21.61 -13.79 18.41
C LYS B 195 -21.04 -14.37 19.70
N GLN B 196 -21.04 -15.70 19.82
CA GLN B 196 -20.46 -16.34 20.99
C GLN B 196 -18.95 -16.27 20.99
N ALA B 197 -18.32 -15.96 19.86
CA ALA B 197 -16.88 -15.84 19.80
C ALA B 197 -16.38 -14.41 19.77
N PHE B 198 -17.14 -13.49 19.17
CA PHE B 198 -16.70 -12.11 19.16
C PHE B 198 -16.89 -11.47 20.51
N ASP B 199 -18.06 -11.64 21.11
CA ASP B 199 -18.37 -11.04 22.40
C ASP B 199 -17.68 -11.75 23.54
N ASP B 200 -17.20 -12.97 23.34
CA ASP B 200 -16.29 -13.58 24.29
C ASP B 200 -14.95 -12.87 24.29
N ALA B 201 -14.58 -12.27 23.15
CA ALA B 201 -13.28 -11.65 23.01
C ALA B 201 -13.30 -10.16 23.33
N ILE B 202 -14.36 -9.44 22.94
CA ILE B 202 -14.40 -8.01 23.18
C ILE B 202 -14.60 -7.69 24.66
N ALA B 203 -15.17 -8.62 25.43
CA ALA B 203 -15.22 -8.46 26.88
C ALA B 203 -13.86 -8.72 27.51
N GLU B 204 -12.97 -9.42 26.80
CA GLU B 204 -11.59 -9.53 27.21
C GLU B 204 -10.82 -8.35 26.62
N LEU B 205 -9.48 -8.43 26.70
CA LEU B 205 -8.55 -7.40 26.24
C LEU B 205 -8.76 -6.07 26.97
N ASP B 206 -9.24 -6.14 28.22
CA ASP B 206 -9.49 -4.95 29.02
C ASP B 206 -8.30 -4.62 29.91
N THR B 207 -7.75 -5.62 30.58
CA THR B 207 -6.62 -5.40 31.47
C THR B 207 -5.32 -5.22 30.68
N LEU B 208 -5.05 -6.12 29.74
CA LEU B 208 -3.76 -6.11 29.07
C LEU B 208 -3.86 -6.75 27.70
N ASN B 209 -2.98 -6.32 26.81
CA ASN B 209 -2.56 -7.03 25.60
C ASN B 209 -1.04 -6.95 25.46
N GLU B 210 -0.34 -7.34 26.52
CA GLU B 210 1.13 -7.38 26.49
C GLU B 210 1.63 -8.42 25.50
N ASP B 211 0.89 -9.50 25.31
CA ASP B 211 1.15 -10.40 24.19
C ASP B 211 0.81 -9.69 22.89
N SER B 212 1.55 -10.01 21.83
CA SER B 212 1.38 -9.34 20.56
C SER B 212 0.07 -9.76 19.89
N TYR B 213 -0.69 -8.77 19.42
CA TYR B 213 -2.10 -9.00 19.11
C TYR B 213 -2.61 -8.29 17.86
N LYS B 214 -1.74 -7.65 17.07
CA LYS B 214 -2.23 -7.00 15.87
C LYS B 214 -2.62 -8.01 14.80
N ASP B 215 -2.09 -9.23 14.88
CA ASP B 215 -2.59 -10.29 14.03
C ASP B 215 -4.01 -10.67 14.41
N SER B 216 -4.33 -10.63 15.70
CA SER B 216 -5.65 -11.07 16.15
C SER B 216 -6.74 -10.05 15.89
N THR B 217 -6.40 -8.78 15.77
CA THR B 217 -7.45 -7.79 15.59
C THR B 217 -7.96 -7.76 14.16
N LEU B 218 -7.14 -8.14 13.18
CA LEU B 218 -7.66 -8.19 11.82
C LEU B 218 -8.54 -9.40 11.61
N ILE B 219 -8.34 -10.46 12.39
CA ILE B 219 -9.33 -11.54 12.43
C ILE B 219 -10.63 -11.02 13.02
N MET B 220 -10.51 -10.14 14.02
CA MET B 220 -11.71 -9.66 14.69
C MET B 220 -12.50 -8.71 13.81
N GLN B 221 -11.84 -8.00 12.90
CA GLN B 221 -12.59 -7.19 11.95
C GLN B 221 -13.28 -8.07 10.92
N LEU B 222 -12.67 -9.20 10.58
CA LEU B 222 -13.26 -10.14 9.63
C LEU B 222 -14.55 -10.74 10.17
N LEU B 223 -14.62 -10.95 11.49
CA LEU B 223 -15.81 -11.50 12.12
C LEU B 223 -16.99 -10.55 11.97
N ARG B 224 -16.77 -9.28 12.27
CA ARG B 224 -17.84 -8.28 12.18
C ARG B 224 -18.16 -7.96 10.73
N ASP B 225 -17.19 -8.10 9.83
CA ASP B 225 -17.40 -7.77 8.42
C ASP B 225 -18.43 -8.68 7.78
N ASN B 226 -18.17 -9.99 7.78
CA ASN B 226 -19.07 -10.90 7.08
C ASN B 226 -20.36 -11.14 7.83
N LEU B 227 -20.46 -10.71 9.09
CA LEU B 227 -21.70 -10.89 9.84
C LEU B 227 -22.83 -10.05 9.30
N THR B 228 -22.52 -8.93 8.64
CA THR B 228 -23.56 -8.03 8.19
C THR B 228 -24.35 -8.63 7.04
N LEU B 229 -23.67 -9.29 6.11
CA LEU B 229 -24.39 -9.98 5.04
C LEU B 229 -25.09 -11.23 5.56
N TRP B 230 -24.55 -11.83 6.62
CA TRP B 230 -25.25 -12.93 7.26
C TRP B 230 -26.52 -12.46 7.97
N THR B 231 -26.54 -11.21 8.43
CA THR B 231 -27.71 -10.67 9.08
C THR B 231 -28.59 -9.87 8.14
N SER B 232 -28.11 -9.54 6.94
CA SER B 232 -28.91 -8.79 5.98
C SER B 232 -30.04 -9.62 5.39
N ASP B 233 -30.07 -10.93 5.63
CA ASP B 233 -31.15 -11.78 5.20
C ASP B 233 -32.06 -12.10 6.36
N ASP C 451 1.12 34.56 16.05
CA ASP C 451 2.55 34.32 16.06
C ASP C 451 2.99 33.64 14.78
N TRP C 452 2.02 33.36 13.91
CA TRP C 452 2.33 32.79 12.62
C TRP C 452 2.62 33.84 11.57
N GLU C 453 3.00 35.04 11.98
CA GLU C 453 3.57 35.99 11.05
C GLU C 453 4.91 35.46 10.57
N ILE C 454 5.03 35.25 9.26
CA ILE C 454 6.31 34.87 8.69
C ILE C 454 6.84 36.11 7.96
N PRO C 455 8.15 36.33 7.91
CA PRO C 455 8.67 37.58 7.37
C PRO C 455 8.48 37.69 5.87
N ASP C 456 8.52 38.93 5.40
CA ASP C 456 8.34 39.24 4.00
C ASP C 456 9.47 38.67 3.16
N GLY C 457 9.15 38.33 1.93
CA GLY C 457 10.11 37.68 1.06
C GLY C 457 10.35 36.24 1.44
N GLN C 458 9.29 35.43 1.46
CA GLN C 458 9.40 34.00 1.71
C GLN C 458 8.60 33.16 0.73
N ILE C 459 7.59 33.70 0.09
CA ILE C 459 6.58 32.92 -0.61
C ILE C 459 6.87 33.01 -2.09
N THR C 460 7.45 31.95 -2.65
CA THR C 460 7.61 31.86 -4.08
C THR C 460 6.25 31.62 -4.70
N VAL C 461 5.58 32.68 -5.14
CA VAL C 461 4.22 32.57 -5.64
C VAL C 461 4.24 32.03 -7.06
N GLY C 462 3.08 31.59 -7.54
CA GLY C 462 3.02 30.85 -8.79
C GLY C 462 1.86 31.18 -9.71
N GLN C 463 1.10 30.15 -10.08
CA GLN C 463 0.07 30.24 -11.11
C GLN C 463 -1.29 30.54 -10.50
N ARG C 464 -2.03 31.42 -11.17
CA ARG C 464 -3.31 31.91 -10.66
C ARG C 464 -4.40 30.86 -10.83
N ILE C 465 -5.05 30.48 -9.73
CA ILE C 465 -6.14 29.51 -9.75
C ILE C 465 -7.44 30.26 -9.46
N GLY C 466 -8.10 30.73 -10.52
CA GLY C 466 -9.42 31.31 -10.36
C GLY C 466 -9.51 32.71 -9.77
N SER C 467 -10.36 33.54 -10.36
CA SER C 467 -10.58 34.89 -9.87
C SER C 467 -12.07 35.19 -9.80
N GLY C 468 -12.48 35.86 -8.72
CA GLY C 468 -13.88 36.13 -8.52
C GLY C 468 -14.17 36.85 -7.22
N SER C 469 -15.35 36.56 -6.63
CA SER C 469 -15.81 37.30 -5.46
C SER C 469 -15.01 36.97 -4.21
N PHE C 470 -14.39 35.80 -4.14
CA PHE C 470 -13.59 35.45 -2.97
C PHE C 470 -12.26 36.17 -2.95
N GLY C 471 -11.73 36.50 -4.12
CA GLY C 471 -10.39 37.05 -4.25
C GLY C 471 -9.63 36.38 -5.37
N THR C 472 -8.42 35.91 -5.09
CA THR C 472 -7.61 35.18 -6.05
C THR C 472 -6.78 34.13 -5.31
N VAL C 473 -6.33 33.12 -6.05
CA VAL C 473 -5.57 32.02 -5.48
C VAL C 473 -4.38 31.72 -6.39
N TYR C 474 -3.18 31.69 -5.81
CA TYR C 474 -1.97 31.26 -6.48
C TYR C 474 -1.57 29.87 -5.99
N LYS C 475 -0.73 29.20 -6.78
CA LYS C 475 -0.17 27.92 -6.37
C LYS C 475 1.26 28.17 -5.89
N GLY C 476 1.37 28.52 -4.62
CA GLY C 476 2.64 28.92 -4.06
C GLY C 476 3.58 27.75 -3.81
N LYS C 477 4.71 28.07 -3.18
CA LYS C 477 5.66 27.06 -2.75
C LYS C 477 6.46 27.65 -1.59
N TRP C 478 6.15 27.20 -0.38
CA TRP C 478 6.98 27.49 0.79
C TRP C 478 7.01 26.23 1.63
N HIS C 479 8.20 25.63 1.74
CA HIS C 479 8.43 24.34 2.38
C HIS C 479 7.47 23.30 1.81
N GLY C 480 7.66 22.97 0.55
CA GLY C 480 6.69 22.20 -0.19
C GLY C 480 5.58 23.07 -0.71
N ASP C 481 4.89 22.57 -1.74
CA ASP C 481 3.90 23.35 -2.46
C ASP C 481 2.71 23.65 -1.55
N VAL C 482 2.30 24.90 -1.51
CA VAL C 482 1.16 25.37 -0.75
C VAL C 482 0.27 26.16 -1.69
N ALA C 483 -0.91 26.48 -1.21
CA ALA C 483 -1.80 27.41 -1.90
C ALA C 483 -1.91 28.66 -1.06
N VAL C 484 -2.21 29.78 -1.71
CA VAL C 484 -2.33 31.06 -1.02
C VAL C 484 -3.57 31.77 -1.49
N LYS C 485 -4.44 32.10 -0.54
CA LYS C 485 -5.64 32.90 -0.79
C LYS C 485 -5.20 34.35 -0.78
N MET C 486 -4.90 34.89 -1.94
CA MET C 486 -4.38 36.24 -2.05
C MET C 486 -5.50 37.21 -2.37
N LEU C 487 -5.41 38.39 -1.77
CA LEU C 487 -6.22 39.53 -2.17
C LEU C 487 -5.33 40.45 -2.99
N ASN C 488 -5.68 40.62 -4.27
CA ASN C 488 -4.82 41.31 -5.23
C ASN C 488 -4.70 42.80 -4.94
N VAL C 489 -5.64 43.36 -4.18
CA VAL C 489 -5.67 44.79 -3.95
C VAL C 489 -4.52 45.22 -3.03
N THR C 490 -4.09 46.46 -3.20
CA THR C 490 -3.09 47.06 -2.32
C THR C 490 -3.64 48.21 -1.50
N ALA C 491 -4.75 48.81 -1.93
CA ALA C 491 -5.44 49.83 -1.17
C ALA C 491 -6.34 49.15 -0.15
N PRO C 492 -6.01 49.19 1.14
CA PRO C 492 -6.75 48.40 2.12
C PRO C 492 -8.07 49.05 2.48
N THR C 493 -9.17 48.42 2.06
CA THR C 493 -10.49 48.94 2.39
C THR C 493 -10.78 48.69 3.87
N PRO C 494 -11.48 49.63 4.54
CA PRO C 494 -11.63 49.54 6.00
C PRO C 494 -12.44 48.34 6.49
N GLN C 495 -13.18 47.67 5.61
CA GLN C 495 -13.76 46.39 6.00
C GLN C 495 -12.72 45.29 6.04
N GLN C 496 -11.78 45.27 5.10
CA GLN C 496 -10.74 44.26 5.12
C GLN C 496 -9.61 44.59 6.09
N LEU C 497 -9.56 45.84 6.61
CA LEU C 497 -8.82 46.07 7.84
C LEU C 497 -9.43 45.30 8.99
N GLN C 498 -10.73 45.03 8.94
CA GLN C 498 -11.44 44.31 9.99
C GLN C 498 -11.76 42.87 9.61
N ALA C 499 -11.90 42.58 8.31
CA ALA C 499 -12.24 41.23 7.90
C ALA C 499 -11.06 40.29 8.09
N PHE C 500 -9.85 40.79 7.85
CA PHE C 500 -8.67 39.93 7.91
C PHE C 500 -8.32 39.56 9.34
N LYS C 501 -8.46 40.50 10.27
CA LYS C 501 -8.01 40.27 11.64
C LYS C 501 -8.90 39.29 12.39
N ASN C 502 -10.18 39.21 12.01
CA ASN C 502 -11.05 38.21 12.64
C ASN C 502 -10.95 36.86 11.96
N GLU C 503 -10.67 36.86 10.64
CA GLU C 503 -10.64 35.63 9.88
C GLU C 503 -9.50 34.72 10.32
N VAL C 504 -8.33 35.30 10.59
CA VAL C 504 -7.24 34.52 11.15
C VAL C 504 -7.53 34.21 12.62
N GLY C 505 -8.39 34.99 13.27
CA GLY C 505 -8.85 34.63 14.59
C GLY C 505 -9.72 33.38 14.60
N VAL C 506 -10.36 33.08 13.47
CA VAL C 506 -11.04 31.80 13.32
C VAL C 506 -10.02 30.68 13.21
N LEU C 507 -9.20 30.73 12.17
CA LEU C 507 -8.35 29.63 11.75
C LEU C 507 -7.17 29.39 12.69
N ARG C 508 -6.98 30.22 13.71
CA ARG C 508 -5.89 30.01 14.63
C ARG C 508 -6.14 28.82 15.56
N LYS C 509 -7.37 28.34 15.63
CA LYS C 509 -7.74 27.31 16.60
C LYS C 509 -8.00 25.94 16.00
N THR C 510 -8.41 25.87 14.74
CA THR C 510 -8.88 24.62 14.14
C THR C 510 -7.68 23.78 13.71
N ARG C 511 -7.43 22.68 14.40
CA ARG C 511 -6.33 21.78 14.05
C ARG C 511 -6.85 20.35 14.12
N HIS C 512 -7.20 19.80 12.96
CA HIS C 512 -7.91 18.53 12.84
C HIS C 512 -7.67 17.99 11.44
N VAL C 513 -7.96 16.70 11.26
CA VAL C 513 -7.70 16.01 10.00
C VAL C 513 -8.58 16.56 8.90
N ASN C 514 -9.88 16.55 9.09
CA ASN C 514 -10.79 16.94 8.03
C ASN C 514 -10.84 18.44 7.77
N ILE C 515 -10.12 19.24 8.53
CA ILE C 515 -10.03 20.67 8.26
C ILE C 515 -8.73 20.92 7.50
N LEU C 516 -8.82 21.77 6.49
CA LEU C 516 -7.67 22.05 5.63
C LEU C 516 -6.65 22.87 6.38
N LEU C 517 -5.48 22.27 6.61
CA LEU C 517 -4.53 22.71 7.65
C LEU C 517 -3.99 24.10 7.38
N PHE C 518 -4.21 25.00 8.34
CA PHE C 518 -3.75 26.37 8.25
C PHE C 518 -2.24 26.42 8.48
N MET C 519 -1.49 26.96 7.51
CA MET C 519 -0.04 26.99 7.57
C MET C 519 0.49 28.36 8.00
N GLY C 520 0.14 29.42 7.29
CA GLY C 520 0.67 30.71 7.64
C GLY C 520 -0.13 31.86 7.04
N TYR C 521 0.39 33.06 7.25
CA TYR C 521 -0.23 34.28 6.74
C TYR C 521 0.80 35.39 6.73
N SER C 522 0.56 36.37 5.86
CA SER C 522 1.39 37.56 5.80
C SER C 522 0.58 38.71 5.20
N THR C 523 1.01 39.93 5.53
CA THR C 523 0.39 41.11 4.95
C THR C 523 1.39 42.19 4.56
N LYS C 524 2.68 41.94 4.71
CA LYS C 524 3.69 42.99 4.64
C LYS C 524 4.05 43.34 3.19
N PRO C 525 4.34 42.37 2.25
CA PRO C 525 4.35 42.77 0.84
C PRO C 525 2.94 42.85 0.28
N GLN C 526 2.11 41.90 0.69
CA GLN C 526 0.73 41.81 0.24
C GLN C 526 0.00 40.91 1.22
N LEU C 527 -1.30 41.13 1.35
CA LEU C 527 -2.13 40.40 2.31
C LEU C 527 -2.63 39.09 1.69
N ALA C 528 -2.42 37.99 2.41
CA ALA C 528 -2.80 36.65 1.99
C ALA C 528 -2.69 35.72 3.19
N ILE C 529 -3.17 34.50 3.01
CA ILE C 529 -3.00 33.43 3.99
C ILE C 529 -2.49 32.19 3.27
N VAL C 530 -1.80 31.34 4.03
CA VAL C 530 -1.12 30.18 3.49
C VAL C 530 -1.84 28.94 4.00
N THR C 531 -2.52 28.24 3.11
CA THR C 531 -3.19 26.99 3.45
C THR C 531 -2.28 25.80 3.17
N GLN C 532 -2.85 24.62 3.19
CA GLN C 532 -2.20 23.41 2.70
C GLN C 532 -2.59 23.19 1.25
N TRP C 533 -1.98 22.22 0.62
CA TRP C 533 -2.16 21.97 -0.80
C TRP C 533 -2.61 20.52 -0.99
N CYS C 534 -3.92 20.33 -1.13
CA CYS C 534 -4.46 18.98 -1.25
C CYS C 534 -4.16 18.40 -2.62
N GLU C 535 -3.86 17.10 -2.64
CA GLU C 535 -3.45 16.43 -3.87
C GLU C 535 -4.65 15.75 -4.51
N GLY C 536 -5.58 16.57 -4.96
CA GLY C 536 -6.80 16.05 -5.53
C GLY C 536 -7.75 17.17 -5.87
N SER C 537 -8.86 16.78 -6.49
CA SER C 537 -9.85 17.73 -6.97
C SER C 537 -10.87 18.02 -5.87
N SER C 538 -11.90 18.79 -6.20
CA SER C 538 -12.94 19.11 -5.25
C SER C 538 -14.03 18.06 -5.35
N LEU C 539 -15.11 18.23 -4.57
CA LEU C 539 -16.27 17.37 -4.70
C LEU C 539 -17.27 17.88 -5.73
N TYR C 540 -17.27 19.19 -5.97
CA TYR C 540 -17.96 19.73 -7.14
C TYR C 540 -17.36 19.16 -8.41
N HIS C 541 -16.05 18.91 -8.40
CA HIS C 541 -15.36 18.35 -9.54
C HIS C 541 -15.79 16.91 -9.80
N HIS C 542 -15.99 16.13 -8.74
CA HIS C 542 -16.18 14.69 -8.89
C HIS C 542 -17.57 14.34 -9.41
N LEU C 543 -18.59 15.12 -9.07
CA LEU C 543 -19.96 14.73 -9.36
C LEU C 543 -20.62 15.54 -10.46
N HIS C 544 -20.03 16.65 -10.86
CA HIS C 544 -20.63 17.47 -11.90
C HIS C 544 -19.71 17.67 -13.10
N ILE C 545 -18.45 18.02 -12.86
CA ILE C 545 -17.57 18.37 -13.97
C ILE C 545 -17.14 17.11 -14.72
N ILE C 546 -16.46 16.20 -14.04
CA ILE C 546 -16.03 14.98 -14.71
C ILE C 546 -16.99 13.82 -14.49
N GLU C 547 -17.87 13.91 -13.48
CA GLU C 547 -18.97 12.98 -13.22
C GLU C 547 -18.47 11.54 -13.01
N THR C 548 -17.67 11.39 -11.97
CA THR C 548 -17.06 10.10 -11.67
C THR C 548 -18.02 9.28 -10.82
N LYS C 549 -18.36 8.09 -11.30
CA LYS C 549 -19.23 7.21 -10.53
C LYS C 549 -18.44 6.60 -9.37
N PHE C 550 -19.14 6.34 -8.28
CA PHE C 550 -18.47 5.93 -7.05
C PHE C 550 -19.14 4.66 -6.53
N GLU C 551 -18.67 4.16 -5.38
CA GLU C 551 -19.22 2.98 -4.75
C GLU C 551 -19.93 3.35 -3.46
N MET C 552 -21.06 2.69 -3.19
CA MET C 552 -21.95 3.10 -2.10
C MET C 552 -21.35 2.86 -0.72
N ILE C 553 -20.43 1.90 -0.58
CA ILE C 553 -19.76 1.69 0.70
C ILE C 553 -18.76 2.79 1.02
N LYS C 554 -18.46 3.66 0.05
CA LYS C 554 -17.59 4.80 0.26
C LYS C 554 -18.27 6.12 -0.03
N LEU C 555 -19.33 6.12 -0.85
CA LEU C 555 -20.03 7.35 -1.21
C LEU C 555 -20.74 7.96 -0.01
N ILE C 556 -21.08 7.15 0.99
CA ILE C 556 -21.49 7.71 2.28
C ILE C 556 -20.34 7.77 3.27
N ASP C 557 -19.20 7.14 2.97
CA ASP C 557 -18.08 7.22 3.88
C ASP C 557 -17.26 8.48 3.69
N ILE C 558 -17.60 9.30 2.70
CA ILE C 558 -17.21 10.70 2.74
C ILE C 558 -18.26 11.53 3.47
N ALA C 559 -19.50 11.04 3.55
CA ALA C 559 -20.52 11.74 4.30
C ALA C 559 -20.43 11.46 5.79
N ARG C 560 -19.71 10.43 6.19
CA ARG C 560 -19.27 10.39 7.58
C ARG C 560 -18.28 11.49 7.84
N GLN C 561 -17.31 11.64 6.94
CA GLN C 561 -16.14 12.49 7.13
C GLN C 561 -16.34 13.94 6.71
N THR C 562 -17.50 14.32 6.17
CA THR C 562 -17.81 15.74 6.20
C THR C 562 -18.67 16.10 7.40
N ALA C 563 -19.52 15.20 7.85
CA ALA C 563 -20.18 15.39 9.12
C ALA C 563 -19.25 15.13 10.29
N GLN C 564 -18.12 14.46 10.06
CA GLN C 564 -17.15 14.34 11.13
C GLN C 564 -16.44 15.65 11.37
N GLY C 565 -15.97 16.27 10.29
CA GLY C 565 -15.11 17.44 10.42
C GLY C 565 -15.83 18.68 10.84
N MET C 566 -17.07 18.86 10.41
CA MET C 566 -17.82 20.04 10.83
C MET C 566 -18.25 19.97 12.27
N ASP C 567 -18.26 18.78 12.86
CA ASP C 567 -18.49 18.65 14.30
C ASP C 567 -17.33 19.19 15.10
N TYR C 568 -16.12 19.23 14.54
CA TYR C 568 -15.02 19.92 15.20
C TYR C 568 -15.18 21.42 15.13
N LEU C 569 -15.92 21.93 14.15
CA LEU C 569 -16.14 23.37 14.09
C LEU C 569 -17.08 23.83 15.20
N HIS C 570 -18.19 23.12 15.40
CA HIS C 570 -19.16 23.54 16.38
C HIS C 570 -18.71 23.25 17.79
N ALA C 571 -17.78 22.32 17.97
CA ALA C 571 -17.16 22.12 19.27
C ALA C 571 -16.32 23.33 19.67
N LYS C 572 -15.65 23.93 18.70
CA LYS C 572 -14.97 25.20 18.90
C LYS C 572 -15.90 26.39 18.70
N SER C 573 -17.20 26.14 18.53
CA SER C 573 -18.26 27.15 18.35
C SER C 573 -17.94 28.10 17.20
N ILE C 574 -17.85 27.52 16.01
CA ILE C 574 -17.49 28.26 14.81
C ILE C 574 -18.59 28.07 13.78
N ILE C 575 -19.09 29.17 13.24
CA ILE C 575 -20.18 29.14 12.28
C ILE C 575 -19.57 29.21 10.89
N HIS C 576 -19.85 28.19 10.06
CA HIS C 576 -19.28 28.15 8.72
C HIS C 576 -19.93 29.18 7.80
N ARG C 577 -21.27 29.18 7.74
CA ARG C 577 -22.16 30.16 7.11
C ARG C 577 -22.16 30.15 5.59
N ASP C 578 -21.27 29.41 4.94
CA ASP C 578 -21.26 29.46 3.48
C ASP C 578 -20.91 28.13 2.83
N LEU C 579 -21.25 27.02 3.47
CA LEU C 579 -20.85 25.72 2.94
C LEU C 579 -21.65 25.35 1.70
N LYS C 580 -20.95 24.97 0.63
CA LYS C 580 -21.55 24.28 -0.49
C LYS C 580 -20.64 23.13 -0.89
N SER C 581 -21.00 22.44 -1.97
CA SER C 581 -20.16 21.36 -2.45
C SER C 581 -18.87 21.86 -3.09
N ASN C 582 -18.84 23.13 -3.50
CA ASN C 582 -17.76 23.64 -4.34
C ASN C 582 -16.44 23.80 -3.61
N ASN C 583 -16.42 23.67 -2.29
CA ASN C 583 -15.16 23.74 -1.53
C ASN C 583 -15.04 22.55 -0.59
N ILE C 584 -15.38 21.37 -1.09
CA ILE C 584 -15.18 20.13 -0.37
C ILE C 584 -14.05 19.40 -1.09
N PHE C 585 -12.88 19.32 -0.44
CA PHE C 585 -11.67 18.83 -1.09
C PHE C 585 -11.32 17.43 -0.64
N LEU C 586 -10.71 16.66 -1.54
CA LEU C 586 -10.50 15.23 -1.36
C LEU C 586 -9.03 14.89 -1.56
N HIS C 587 -8.26 14.95 -0.48
CA HIS C 587 -6.86 14.55 -0.49
C HIS C 587 -6.74 13.05 -0.69
N GLU C 588 -6.04 12.66 -1.76
CA GLU C 588 -5.72 11.28 -2.14
C GLU C 588 -6.93 10.42 -2.41
N ASP C 589 -8.12 11.02 -2.56
CA ASP C 589 -9.43 10.39 -2.70
C ASP C 589 -9.80 9.47 -1.52
N LEU C 590 -9.07 9.55 -0.41
CA LEU C 590 -9.33 8.75 0.78
C LEU C 590 -10.03 9.58 1.84
N THR C 591 -9.39 10.65 2.30
CA THR C 591 -9.92 11.55 3.30
C THR C 591 -10.63 12.69 2.60
N VAL C 592 -11.39 13.47 3.36
CA VAL C 592 -12.07 14.64 2.81
C VAL C 592 -11.70 15.84 3.67
N LYS C 593 -11.16 16.86 3.04
CA LYS C 593 -10.78 18.09 3.74
C LYS C 593 -11.84 19.14 3.51
N ILE C 594 -12.14 19.90 4.57
CA ILE C 594 -13.02 21.06 4.50
C ILE C 594 -12.14 22.30 4.46
N GLY C 595 -12.41 23.19 3.52
CA GLY C 595 -11.56 24.37 3.43
C GLY C 595 -12.28 25.54 2.80
N ASP C 596 -11.53 26.65 2.71
CA ASP C 596 -11.95 27.91 2.08
C ASP C 596 -13.21 28.49 2.72
N PHE C 597 -13.25 28.46 4.06
CA PHE C 597 -14.37 29.02 4.80
C PHE C 597 -14.01 30.42 5.30
N GLY C 598 -13.92 31.33 4.33
CA GLY C 598 -13.50 32.70 4.66
C GLY C 598 -14.56 33.46 5.42
N LEU C 599 -15.76 33.56 4.86
CA LEU C 599 -16.84 34.28 5.53
C LEU C 599 -17.43 33.33 6.57
N ALA C 600 -16.80 33.31 7.74
CA ALA C 600 -17.16 32.37 8.79
C ALA C 600 -16.91 33.03 10.12
N THR C 601 -17.97 33.44 10.81
CA THR C 601 -17.82 34.21 12.04
C THR C 601 -17.79 33.27 13.24
N VAL C 602 -16.82 33.47 14.12
CA VAL C 602 -16.74 32.72 15.37
C VAL C 602 -17.74 33.29 16.38
N PRO C 624 -34.47 28.67 7.02
CA PRO C 624 -34.41 29.46 5.78
C PRO C 624 -34.18 30.93 6.08
N GLU C 625 -33.44 31.21 7.15
CA GLU C 625 -33.18 32.57 7.58
C GLU C 625 -32.26 33.32 6.63
N VAL C 626 -31.48 32.61 5.82
CA VAL C 626 -30.62 33.27 4.87
C VAL C 626 -31.44 33.81 3.71
N ILE C 627 -32.42 33.05 3.23
CA ILE C 627 -33.22 33.42 2.09
C ILE C 627 -34.50 34.11 2.55
N ARG C 628 -34.52 34.53 3.81
CA ARG C 628 -35.57 35.39 4.34
C ARG C 628 -35.06 36.63 5.05
N MET C 629 -33.76 36.69 5.40
CA MET C 629 -33.09 37.85 6.01
C MET C 629 -33.74 38.24 7.33
N GLN C 630 -34.16 37.24 8.10
CA GLN C 630 -34.87 37.48 9.35
C GLN C 630 -33.92 37.92 10.46
N ASN C 633 -27.86 38.50 13.77
CA ASN C 633 -27.46 37.64 12.66
C ASN C 633 -28.40 36.45 12.53
N PRO C 634 -28.87 36.18 11.31
CA PRO C 634 -29.74 35.03 11.04
C PRO C 634 -28.97 33.72 10.81
N TYR C 635 -28.02 33.44 11.69
CA TYR C 635 -27.19 32.24 11.60
C TYR C 635 -26.93 31.70 12.99
N SER C 636 -26.89 30.38 13.11
CA SER C 636 -26.57 29.71 14.37
C SER C 636 -25.84 28.41 14.04
N PHE C 637 -25.77 27.52 15.02
CA PHE C 637 -25.34 26.15 14.74
C PHE C 637 -26.29 25.48 13.76
N GLN C 638 -27.58 25.69 13.95
CA GLN C 638 -28.62 25.01 13.19
C GLN C 638 -28.86 25.64 11.83
N SER C 639 -28.01 26.56 11.39
CA SER C 639 -28.25 27.28 10.15
C SER C 639 -27.48 26.72 8.97
N ASP C 640 -26.46 25.91 9.19
CA ASP C 640 -25.77 25.26 8.09
C ASP C 640 -26.32 23.87 7.79
N VAL C 641 -26.98 23.25 8.77
CA VAL C 641 -27.50 21.90 8.58
C VAL C 641 -28.67 21.89 7.61
N TYR C 642 -29.32 23.04 7.40
CA TYR C 642 -30.26 23.16 6.30
C TYR C 642 -29.56 23.06 4.96
N ALA C 643 -28.32 23.53 4.89
CA ALA C 643 -27.52 23.33 3.69
C ALA C 643 -26.75 22.02 3.72
N PHE C 644 -26.49 21.47 4.91
CA PHE C 644 -25.73 20.24 4.99
C PHE C 644 -26.50 19.05 4.45
N GLY C 645 -27.84 19.13 4.46
CA GLY C 645 -28.63 18.14 3.78
C GLY C 645 -28.46 18.19 2.27
N ILE C 646 -28.21 19.38 1.73
CA ILE C 646 -28.06 19.52 0.29
C ILE C 646 -26.72 18.95 -0.16
N VAL C 647 -25.73 18.90 0.74
CA VAL C 647 -24.47 18.23 0.43
C VAL C 647 -24.70 16.73 0.27
N LEU C 648 -25.30 16.11 1.26
CA LEU C 648 -25.51 14.67 1.22
C LEU C 648 -26.60 14.27 0.25
N TYR C 649 -27.52 15.16 -0.08
CA TYR C 649 -28.45 14.87 -1.16
C TYR C 649 -27.71 14.76 -2.48
N GLU C 650 -26.72 15.62 -2.67
CA GLU C 650 -26.02 15.70 -3.94
C GLU C 650 -25.25 14.42 -4.24
N LEU C 651 -24.78 13.75 -3.20
CA LEU C 651 -24.10 12.46 -3.36
C LEU C 651 -25.01 11.39 -3.92
N MET C 652 -26.30 11.45 -3.59
CA MET C 652 -27.21 10.37 -3.93
C MET C 652 -27.64 10.42 -5.39
N THR C 653 -28.07 11.59 -5.85
CA THR C 653 -28.66 11.68 -7.18
C THR C 653 -27.70 12.28 -8.20
N GLY C 654 -26.68 13.01 -7.76
CA GLY C 654 -25.71 13.53 -8.70
C GLY C 654 -26.18 14.66 -9.57
N GLN C 655 -27.26 15.35 -9.18
CA GLN C 655 -27.73 16.50 -9.93
C GLN C 655 -28.31 17.53 -8.97
N LEU C 656 -27.85 18.77 -9.11
CA LEU C 656 -28.28 19.83 -8.23
C LEU C 656 -29.74 20.20 -8.50
N PRO C 657 -30.54 20.44 -7.45
CA PRO C 657 -31.92 20.86 -7.66
C PRO C 657 -31.99 22.28 -8.19
N TYR C 658 -33.16 22.59 -8.75
CA TYR C 658 -33.56 23.91 -9.24
C TYR C 658 -32.63 24.45 -10.32
N SER C 677 -37.95 20.86 -3.44
CA SER C 677 -37.97 19.87 -2.38
C SER C 677 -37.36 18.55 -2.83
N PRO C 678 -36.03 18.47 -2.86
CA PRO C 678 -35.36 17.28 -3.42
C PRO C 678 -35.42 16.06 -2.50
N ASP C 679 -36.57 15.39 -2.51
CA ASP C 679 -36.74 14.18 -1.71
C ASP C 679 -37.11 12.96 -2.53
N LEU C 680 -38.09 13.07 -3.42
CA LEU C 680 -38.67 11.92 -4.11
C LEU C 680 -37.78 11.36 -5.21
N SER C 681 -36.67 12.02 -5.52
CA SER C 681 -35.79 11.57 -6.59
C SER C 681 -34.72 10.60 -6.08
N LYS C 682 -34.88 10.07 -4.88
CA LYS C 682 -33.78 9.49 -4.12
C LYS C 682 -33.55 8.03 -4.41
N VAL C 683 -33.79 7.58 -5.64
CA VAL C 683 -33.55 6.19 -6.01
C VAL C 683 -32.05 5.96 -5.99
N ARG C 684 -31.57 5.28 -4.97
CA ARG C 684 -30.16 4.95 -4.81
C ARG C 684 -29.93 3.50 -5.20
N SER C 685 -28.65 3.16 -5.41
CA SER C 685 -28.29 1.82 -5.83
C SER C 685 -28.52 0.82 -4.71
N ASN C 686 -27.90 1.04 -3.55
CA ASN C 686 -28.20 0.22 -2.40
C ASN C 686 -29.56 0.56 -1.81
N CYS C 687 -30.05 1.78 -2.05
CA CYS C 687 -31.37 2.30 -1.67
C CYS C 687 -31.61 2.22 -0.16
N PRO C 688 -30.97 3.06 0.65
CA PRO C 688 -31.18 3.00 2.09
C PRO C 688 -32.51 3.63 2.47
N LYS C 689 -32.91 3.37 3.72
CA LYS C 689 -34.08 3.99 4.32
C LYS C 689 -33.70 5.07 5.32
N ALA C 690 -32.68 4.82 6.14
CA ALA C 690 -32.23 5.82 7.10
C ALA C 690 -31.60 7.01 6.40
N MET C 691 -30.96 6.79 5.25
CA MET C 691 -30.46 7.91 4.47
C MET C 691 -31.61 8.69 3.86
N LYS C 692 -32.67 8.00 3.44
CA LYS C 692 -33.90 8.68 3.04
C LYS C 692 -34.55 9.40 4.22
N ARG C 693 -34.36 8.88 5.43
CA ARG C 693 -34.86 9.56 6.61
C ARG C 693 -33.99 10.76 6.95
N LEU C 694 -32.67 10.56 7.07
CA LEU C 694 -31.81 11.62 7.58
C LEU C 694 -31.60 12.73 6.57
N MET C 695 -31.74 12.45 5.28
CA MET C 695 -31.84 13.55 4.33
C MET C 695 -33.11 14.35 4.59
N ALA C 696 -34.21 13.66 4.86
CA ALA C 696 -35.48 14.33 5.07
C ALA C 696 -35.56 15.02 6.42
N GLU C 697 -34.78 14.57 7.41
CA GLU C 697 -34.79 15.19 8.73
C GLU C 697 -33.73 16.26 8.89
N CYS C 698 -33.23 16.82 7.80
CA CYS C 698 -32.39 18.01 7.87
C CYS C 698 -32.87 19.16 7.02
N LEU C 699 -33.53 18.91 5.89
CA LEU C 699 -33.83 19.97 4.94
C LEU C 699 -35.21 20.60 5.20
N LYS C 700 -35.76 20.43 6.40
CA LYS C 700 -37.13 20.79 6.70
C LYS C 700 -37.33 22.31 6.69
N LYS C 701 -38.59 22.73 6.72
CA LYS C 701 -38.85 24.16 6.70
C LYS C 701 -38.84 24.77 8.09
N LYS C 702 -39.36 24.04 9.09
CA LYS C 702 -39.46 24.57 10.45
C LYS C 702 -38.06 24.63 11.06
N ARG C 703 -37.50 25.83 11.07
CA ARG C 703 -36.07 26.05 11.33
C ARG C 703 -35.69 25.76 12.78
N ASP C 704 -36.65 25.75 13.69
CA ASP C 704 -36.34 25.50 15.09
C ASP C 704 -35.96 24.03 15.32
N GLU C 705 -36.69 23.12 14.68
CA GLU C 705 -36.52 21.69 14.95
C GLU C 705 -35.48 21.05 14.03
N ARG C 706 -34.31 21.66 13.95
CA ARG C 706 -33.28 20.99 13.20
C ARG C 706 -32.39 20.19 14.14
N PRO C 707 -31.94 19.00 13.73
CA PRO C 707 -31.18 18.15 14.66
C PRO C 707 -29.78 18.69 14.90
N LEU C 708 -29.31 18.52 16.12
CA LEU C 708 -27.97 18.93 16.47
C LEU C 708 -26.95 17.99 15.82
N PHE C 709 -25.71 18.42 15.84
CA PHE C 709 -24.70 17.77 15.03
C PHE C 709 -24.13 16.46 15.58
N PRO C 710 -23.80 16.31 16.88
CA PRO C 710 -23.23 15.01 17.31
C PRO C 710 -24.21 13.84 17.27
N GLN C 711 -25.50 14.05 16.99
CA GLN C 711 -26.38 12.97 16.60
C GLN C 711 -26.54 12.86 15.09
N ILE C 712 -25.67 13.53 14.34
CA ILE C 712 -25.55 13.25 12.90
C ILE C 712 -24.23 12.53 12.62
N LEU C 713 -23.22 12.70 13.46
CA LEU C 713 -22.10 11.76 13.44
C LEU C 713 -22.56 10.38 13.89
N ALA C 714 -23.25 10.31 15.03
CA ALA C 714 -23.57 9.02 15.62
C ALA C 714 -24.65 8.27 14.88
N SER C 715 -25.53 8.97 14.18
CA SER C 715 -26.55 8.30 13.39
C SER C 715 -26.15 8.07 11.96
N ILE C 716 -24.87 8.22 11.63
CA ILE C 716 -24.32 7.78 10.36
C ILE C 716 -23.30 6.67 10.54
N GLU C 717 -22.51 6.74 11.62
CA GLU C 717 -21.65 5.62 11.98
C GLU C 717 -22.44 4.37 12.32
N LEU C 718 -23.65 4.52 12.83
CA LEU C 718 -24.54 3.37 12.97
C LEU C 718 -24.95 2.84 11.61
N LEU C 719 -25.20 3.72 10.65
CA LEU C 719 -25.61 3.30 9.32
C LEU C 719 -24.46 2.70 8.53
N ALA C 720 -23.22 2.87 8.97
CA ALA C 720 -22.08 2.28 8.27
C ALA C 720 -22.05 0.77 8.44
N ARG C 721 -22.37 0.28 9.64
CA ARG C 721 -22.18 -1.12 9.94
C ARG C 721 -23.27 -2.02 9.36
N SER C 722 -24.32 -1.46 8.77
CA SER C 722 -25.34 -2.25 8.10
C SER C 722 -25.29 -2.15 6.59
N LEU C 723 -24.22 -1.59 6.04
CA LEU C 723 -23.99 -1.63 4.60
C LEU C 723 -22.84 -2.59 4.38
N PRO C 724 -23.03 -3.70 3.65
CA PRO C 724 -22.12 -4.85 3.78
C PRO C 724 -20.79 -4.64 3.07
N LYS C 725 -19.70 -4.92 3.78
CA LYS C 725 -18.37 -4.59 3.29
C LYS C 725 -17.89 -5.56 2.22
N ILE C 726 -18.16 -6.84 2.39
CA ILE C 726 -17.67 -7.87 1.47
C ILE C 726 -18.87 -8.40 0.72
N HIS C 727 -18.62 -9.08 -0.40
CA HIS C 727 -19.67 -9.73 -1.17
C HIS C 727 -19.55 -11.25 -1.16
N ARG C 728 -18.74 -11.79 -0.26
CA ARG C 728 -18.61 -13.22 -0.08
C ARG C 728 -18.09 -13.47 1.33
N SER C 729 -18.25 -14.69 1.80
CA SER C 729 -17.67 -15.08 3.06
C SER C 729 -16.15 -15.07 2.97
N ALA C 730 -15.50 -15.02 4.12
CA ALA C 730 -14.04 -15.07 4.14
C ALA C 730 -13.62 -16.16 5.07
N SEP C 731 -12.35 -16.50 5.04
CA SEP C 731 -11.83 -17.50 5.96
CB SEP C 731 -11.36 -18.73 5.22
OG SEP C 731 -12.35 -19.17 4.32
C SEP C 731 -10.71 -16.87 6.70
O SEP C 731 -10.42 -15.70 6.49
P SEP C 731 -11.69 -20.15 3.24
O1P SEP C 731 -11.95 -19.55 1.78
O2P SEP C 731 -12.38 -21.59 3.38
O3P SEP C 731 -10.12 -20.29 3.52
N GLU C 732 -10.08 -17.64 7.57
CA GLU C 732 -8.88 -17.15 8.22
C GLU C 732 -7.83 -17.09 7.16
N PRO C 733 -7.32 -15.89 6.90
CA PRO C 733 -6.49 -15.68 5.71
C PRO C 733 -5.11 -16.30 5.89
N SER C 734 -4.35 -16.28 4.80
CA SER C 734 -2.95 -16.68 4.81
C SER C 734 -2.21 -15.79 5.80
N LEU C 735 -1.73 -16.38 6.89
CA LEU C 735 -1.32 -15.59 8.04
C LEU C 735 -0.01 -14.87 7.76
N ASN C 736 0.11 -13.66 8.31
CA ASN C 736 1.30 -12.83 8.10
C ASN C 736 2.34 -13.10 9.20
N ARG C 737 2.81 -14.34 9.25
CA ARG C 737 3.83 -14.74 10.20
C ARG C 737 5.15 -14.13 9.73
N ALA C 738 5.63 -13.12 10.46
CA ALA C 738 6.86 -12.45 10.06
C ALA C 738 7.75 -12.08 11.25
N GLY C 739 7.38 -12.46 12.47
CA GLY C 739 8.10 -12.06 13.65
C GLY C 739 7.58 -10.80 14.33
N PHE C 740 6.94 -9.91 13.58
CA PHE C 740 6.32 -8.71 14.13
C PHE C 740 4.81 -8.93 14.22
N GLN C 741 4.28 -8.86 15.42
CA GLN C 741 2.85 -9.05 15.63
C GLN C 741 2.21 -8.06 16.58
N THR C 742 2.98 -7.19 17.23
CA THR C 742 2.41 -6.21 18.15
C THR C 742 1.87 -5.02 17.38
N GLU C 743 1.45 -3.98 18.11
CA GLU C 743 0.60 -2.95 17.54
C GLU C 743 1.36 -1.70 17.06
N ASP C 744 2.70 -1.69 17.17
CA ASP C 744 3.59 -0.67 16.60
C ASP C 744 3.28 0.73 17.14
N PHE C 745 3.58 0.90 18.42
CA PHE C 745 3.33 2.16 19.12
C PHE C 745 4.41 3.21 18.91
N SER C 746 5.49 2.90 18.20
CA SER C 746 6.70 3.68 18.31
C SER C 746 6.70 5.00 17.54
N LEU C 747 5.58 5.38 16.92
CA LEU C 747 5.48 6.76 16.45
C LEU C 747 5.43 7.71 17.63
N TYR C 748 4.63 7.36 18.64
CA TYR C 748 4.21 8.29 19.67
C TYR C 748 5.04 8.19 20.95
N ALA C 749 6.05 7.34 20.97
CA ALA C 749 6.90 7.18 22.12
C ALA C 749 8.29 6.78 21.63
N CYS C 750 9.11 6.27 22.54
CA CYS C 750 10.43 5.79 22.17
C CYS C 750 10.43 4.27 22.12
N ALA C 751 11.57 3.69 21.78
CA ALA C 751 11.73 2.25 21.69
C ALA C 751 13.10 1.90 22.25
N SER C 752 13.11 1.41 23.50
CA SER C 752 14.32 1.03 24.26
C SER C 752 15.34 2.16 24.34
N ASP D 451 -6.07 28.30 22.74
CA ASP D 451 -6.06 27.49 23.95
C ASP D 451 -6.88 26.22 23.77
N TRP D 452 -6.20 25.11 23.54
CA TRP D 452 -6.85 23.81 23.34
C TRP D 452 -6.74 22.93 24.56
N GLU D 453 -6.87 23.49 25.75
CA GLU D 453 -7.04 22.68 26.94
C GLU D 453 -8.39 21.97 26.87
N ILE D 454 -8.35 20.65 26.83
CA ILE D 454 -9.52 19.84 26.51
C ILE D 454 -10.25 19.51 27.81
N PRO D 455 -11.52 19.86 27.95
CA PRO D 455 -12.25 19.58 29.20
C PRO D 455 -12.53 18.10 29.31
N ASP D 456 -12.52 17.61 30.55
CA ASP D 456 -12.59 16.17 30.76
C ASP D 456 -13.99 15.63 30.45
N GLY D 457 -14.00 14.45 29.84
CA GLY D 457 -15.22 13.81 29.41
C GLY D 457 -15.39 13.74 27.91
N GLN D 458 -14.70 14.60 27.16
CA GLN D 458 -14.84 14.59 25.71
C GLN D 458 -14.13 13.38 25.10
N ILE D 459 -12.92 13.11 25.57
CA ILE D 459 -12.13 12.01 25.05
C ILE D 459 -12.63 10.69 25.63
N THR D 460 -12.68 9.66 24.80
CA THR D 460 -13.17 8.34 25.20
C THR D 460 -12.06 7.34 24.95
N VAL D 461 -11.34 6.96 26.00
CA VAL D 461 -10.20 6.07 25.85
C VAL D 461 -10.69 4.67 25.54
N GLY D 462 -10.00 3.99 24.62
CA GLY D 462 -10.33 2.63 24.28
C GLY D 462 -9.19 1.66 24.57
N GLN D 463 -8.71 0.99 23.53
CA GLN D 463 -7.73 -0.07 23.71
C GLN D 463 -6.37 0.49 24.07
N ARG D 464 -5.63 -0.26 24.86
CA ARG D 464 -4.23 0.07 25.05
C ARG D 464 -3.44 -0.42 23.86
N ILE D 465 -2.28 0.22 23.64
CA ILE D 465 -1.39 -0.13 22.53
C ILE D 465 0.00 -0.45 23.04
N GLY D 466 0.57 0.43 23.85
CA GLY D 466 1.87 0.15 24.43
C GLY D 466 2.14 0.95 25.68
N SER D 467 2.77 0.30 26.66
CA SER D 467 3.28 0.96 27.86
C SER D 467 4.62 0.34 28.20
N GLY D 468 5.68 0.90 27.64
CA GLY D 468 7.01 0.40 27.88
C GLY D 468 7.91 1.44 28.53
N SER D 469 8.84 1.98 27.75
CA SER D 469 9.79 2.98 28.23
C SER D 469 9.11 4.35 28.22
N PHE D 470 8.30 4.57 29.25
CA PHE D 470 7.58 5.82 29.59
C PHE D 470 6.50 6.21 28.59
N GLY D 471 6.30 5.46 27.52
CA GLY D 471 5.24 5.80 26.60
C GLY D 471 4.03 4.94 26.85
N THR D 472 3.06 5.48 27.58
CA THR D 472 1.82 4.75 27.88
C THR D 472 0.73 5.17 26.90
N VAL D 473 0.91 4.76 25.66
CA VAL D 473 0.03 5.23 24.60
C VAL D 473 -1.28 4.45 24.64
N TYR D 474 -2.35 5.08 24.16
CA TYR D 474 -3.67 4.46 24.16
C TYR D 474 -4.37 4.80 22.86
N LYS D 475 -5.63 4.41 22.78
CA LYS D 475 -6.49 4.70 21.65
C LYS D 475 -7.65 5.58 22.14
N GLY D 476 -8.06 6.53 21.30
CA GLY D 476 -9.22 7.34 21.60
C GLY D 476 -10.22 7.27 20.47
N LYS D 477 -11.31 8.01 20.64
CA LYS D 477 -12.32 8.06 19.60
C LYS D 477 -12.91 9.44 19.38
N TRP D 478 -12.35 10.49 19.96
CA TRP D 478 -12.96 11.81 19.85
C TRP D 478 -12.71 12.37 18.46
N HIS D 479 -13.81 12.56 17.72
CA HIS D 479 -13.83 13.22 16.41
C HIS D 479 -12.93 12.51 15.40
N GLY D 480 -13.28 11.27 15.13
CA GLY D 480 -12.37 10.38 14.45
C GLY D 480 -11.35 9.81 15.42
N ASP D 481 -10.71 8.73 14.99
CA ASP D 481 -9.79 8.03 15.87
C ASP D 481 -8.56 8.89 16.14
N VAL D 482 -8.22 9.05 17.41
CA VAL D 482 -7.03 9.77 17.83
C VAL D 482 -6.23 8.85 18.73
N ALA D 483 -5.02 9.26 19.05
CA ALA D 483 -4.23 8.57 20.05
C ALA D 483 -4.06 9.48 21.26
N VAL D 484 -3.66 8.88 22.37
CA VAL D 484 -3.49 9.57 23.64
C VAL D 484 -2.30 8.95 24.35
N LYS D 485 -1.34 9.78 24.73
CA LYS D 485 -0.29 9.35 25.64
C LYS D 485 -0.58 9.93 27.01
N MET D 486 -0.62 9.07 28.02
CA MET D 486 -0.90 9.48 29.38
C MET D 486 0.31 9.21 30.27
N LEU D 487 0.27 9.76 31.47
CA LEU D 487 1.31 9.51 32.45
C LEU D 487 1.13 8.12 33.04
N ASN D 488 2.25 7.44 33.29
CA ASN D 488 2.20 6.12 33.90
C ASN D 488 1.78 6.22 35.36
N VAL D 489 2.61 6.88 36.18
CA VAL D 489 2.26 7.08 37.58
C VAL D 489 1.21 8.17 37.68
N THR D 490 0.50 8.18 38.81
CA THR D 490 -0.54 9.17 39.04
C THR D 490 0.01 10.52 39.48
N ALA D 491 1.21 10.55 40.08
CA ALA D 491 1.76 11.80 40.57
C ALA D 491 2.88 12.27 39.66
N PRO D 492 2.74 13.40 38.97
CA PRO D 492 3.86 13.93 38.18
C PRO D 492 4.94 14.51 39.08
N THR D 493 6.14 14.00 38.95
CA THR D 493 7.28 14.56 39.67
C THR D 493 7.69 15.86 38.96
N PRO D 494 8.53 16.72 39.60
CA PRO D 494 9.04 17.92 38.91
C PRO D 494 9.73 17.74 37.57
N GLN D 495 10.14 16.53 37.22
CA GLN D 495 10.60 16.25 35.86
C GLN D 495 9.43 15.96 34.92
N GLN D 496 8.38 15.29 35.42
CA GLN D 496 7.24 14.97 34.56
C GLN D 496 6.43 16.21 34.22
N LEU D 497 6.20 17.09 35.20
CA LEU D 497 5.43 18.29 34.92
C LEU D 497 6.19 19.24 34.01
N GLN D 498 7.51 19.30 34.14
CA GLN D 498 8.30 20.11 33.23
C GLN D 498 8.35 19.51 31.83
N ALA D 499 8.32 18.19 31.74
CA ALA D 499 8.30 17.54 30.43
C ALA D 499 7.00 17.81 29.69
N PHE D 500 5.88 17.84 30.42
CA PHE D 500 4.61 18.16 29.79
C PHE D 500 4.51 19.64 29.47
N LYS D 501 5.10 20.49 30.31
CA LYS D 501 4.92 21.93 30.14
C LYS D 501 5.87 22.54 29.12
N ASN D 502 6.69 21.73 28.45
CA ASN D 502 7.35 22.16 27.22
C ASN D 502 6.78 21.48 25.99
N GLU D 503 6.41 20.20 26.14
CA GLU D 503 5.88 19.45 25.02
C GLU D 503 4.48 19.90 24.64
N VAL D 504 3.76 20.55 25.54
CA VAL D 504 2.51 21.15 25.12
C VAL D 504 2.80 22.42 24.33
N GLY D 505 3.98 23.01 24.52
CA GLY D 505 4.34 24.19 23.76
C GLY D 505 5.05 23.88 22.46
N VAL D 506 5.82 22.79 22.41
CA VAL D 506 6.54 22.50 21.18
C VAL D 506 5.58 21.94 20.13
N LEU D 507 4.49 21.32 20.54
CA LEU D 507 3.49 20.93 19.56
C LEU D 507 2.47 22.04 19.33
N ARG D 508 2.54 23.13 20.08
CA ARG D 508 1.79 24.31 19.70
C ARG D 508 2.34 24.90 18.41
N LYS D 509 3.65 24.84 18.25
CA LYS D 509 4.34 25.72 17.33
C LYS D 509 4.49 25.15 15.93
N THR D 510 4.11 23.89 15.69
CA THR D 510 4.37 23.23 14.42
C THR D 510 3.07 23.02 13.66
N ARG D 511 2.94 23.70 12.52
CA ARG D 511 1.83 23.50 11.59
C ARG D 511 2.42 23.19 10.23
N HIS D 512 2.66 21.91 9.95
CA HIS D 512 3.10 21.50 8.62
C HIS D 512 2.61 20.08 8.39
N VAL D 513 2.20 19.81 7.15
CA VAL D 513 1.57 18.54 6.78
C VAL D 513 2.49 17.36 7.07
N ASN D 514 3.76 17.48 6.76
CA ASN D 514 4.67 16.37 6.97
C ASN D 514 5.20 16.29 8.39
N ILE D 515 4.58 16.98 9.33
CA ILE D 515 4.84 16.76 10.74
C ILE D 515 3.56 16.22 11.35
N LEU D 516 3.71 15.48 12.46
CA LEU D 516 2.57 14.92 13.18
C LEU D 516 1.67 16.03 13.71
N LEU D 517 0.37 15.88 13.48
CA LEU D 517 -0.57 16.93 13.86
C LEU D 517 -0.72 16.96 15.38
N PHE D 518 -1.29 18.03 15.89
CA PHE D 518 -1.53 18.17 17.31
C PHE D 518 -2.94 18.68 17.53
N MET D 519 -3.66 18.02 18.44
CA MET D 519 -5.09 18.23 18.57
C MET D 519 -5.54 18.72 19.94
N GLY D 520 -4.81 18.39 21.00
CA GLY D 520 -5.17 18.92 22.29
C GLY D 520 -4.43 18.24 23.43
N TYR D 521 -4.86 18.60 24.64
CA TYR D 521 -4.24 18.13 25.88
C TYR D 521 -5.25 18.29 27.01
N SER D 522 -5.31 17.28 27.87
CA SER D 522 -6.19 17.31 29.03
C SER D 522 -5.37 17.18 30.31
N THR D 523 -5.89 17.75 31.38
CA THR D 523 -5.15 17.81 32.63
C THR D 523 -5.95 17.41 33.86
N LYS D 524 -7.27 17.26 33.75
CA LYS D 524 -8.05 16.97 34.96
C LYS D 524 -7.87 15.53 35.46
N PRO D 525 -8.15 14.44 34.65
CA PRO D 525 -7.98 13.11 35.24
C PRO D 525 -6.52 12.70 35.35
N GLN D 526 -5.75 13.01 34.33
CA GLN D 526 -4.32 12.79 34.22
C GLN D 526 -3.87 13.54 32.98
N LEU D 527 -2.57 13.76 32.87
CA LEU D 527 -2.04 14.54 31.78
C LEU D 527 -2.04 13.71 30.50
N ALA D 528 -2.86 14.11 29.54
CA ALA D 528 -2.97 13.41 28.27
C ALA D 528 -2.57 14.35 27.14
N ILE D 529 -2.06 13.78 26.05
CA ILE D 529 -1.64 14.53 24.88
C ILE D 529 -2.36 13.96 23.67
N VAL D 530 -3.19 14.78 23.03
CA VAL D 530 -4.05 14.33 21.96
C VAL D 530 -3.35 14.61 20.63
N THR D 531 -2.66 13.60 20.10
CA THR D 531 -1.99 13.69 18.82
C THR D 531 -2.96 13.27 17.72
N GLN D 532 -2.44 12.93 16.56
CA GLN D 532 -3.20 12.34 15.47
C GLN D 532 -3.07 10.83 15.53
N TRP D 533 -3.74 10.14 14.61
CA TRP D 533 -3.71 8.68 14.53
C TRP D 533 -3.44 8.29 13.10
N CYS D 534 -2.20 7.92 12.82
CA CYS D 534 -1.74 7.68 11.45
C CYS D 534 -1.74 6.19 11.18
N GLU D 535 -2.58 5.75 10.25
CA GLU D 535 -2.63 4.36 9.85
C GLU D 535 -1.55 4.08 8.83
N GLY D 536 -1.03 2.87 8.86
CA GLY D 536 0.10 2.56 8.02
C GLY D 536 1.15 1.81 8.81
N SER D 537 2.41 2.11 8.58
CA SER D 537 3.47 1.38 9.27
C SER D 537 4.69 2.27 9.35
N SER D 538 5.57 1.93 10.28
CA SER D 538 6.79 2.70 10.44
C SER D 538 7.75 2.45 9.29
N LEU D 539 8.80 3.26 9.24
CA LEU D 539 9.81 3.05 8.23
C LEU D 539 10.76 1.92 8.60
N TYR D 540 11.05 1.75 9.90
CA TYR D 540 11.97 0.69 10.31
C TYR D 540 11.33 -0.67 10.15
N HIS D 541 10.01 -0.74 10.31
CA HIS D 541 9.31 -1.99 10.01
C HIS D 541 9.31 -2.27 8.52
N HIS D 542 9.26 -1.22 7.70
CA HIS D 542 9.30 -1.41 6.25
C HIS D 542 10.66 -1.86 5.76
N LEU D 543 11.72 -1.59 6.51
CA LEU D 543 13.05 -1.92 6.00
C LEU D 543 13.49 -3.32 6.40
N HIS D 544 13.58 -3.58 7.71
CA HIS D 544 14.22 -4.80 8.18
C HIS D 544 13.25 -5.75 8.87
N ILE D 545 11.95 -5.62 8.60
CA ILE D 545 11.02 -6.62 9.10
C ILE D 545 10.18 -7.18 7.95
N ILE D 546 9.42 -6.34 7.26
CA ILE D 546 8.62 -6.85 6.15
C ILE D 546 9.48 -7.01 4.89
N GLU D 547 10.62 -6.31 4.83
CA GLU D 547 11.61 -6.40 3.75
C GLU D 547 11.01 -6.03 2.40
N THR D 548 10.32 -4.89 2.34
CA THR D 548 9.74 -4.47 1.08
C THR D 548 10.83 -3.93 0.17
N LYS D 549 10.90 -4.48 -1.05
CA LYS D 549 11.89 -4.06 -2.04
C LYS D 549 11.46 -2.71 -2.59
N PHE D 550 12.12 -1.66 -2.12
CA PHE D 550 11.75 -0.30 -2.50
C PHE D 550 12.39 0.09 -3.82
N GLU D 551 11.58 0.71 -4.69
CA GLU D 551 12.09 1.36 -5.89
C GLU D 551 12.99 2.54 -5.51
N MET D 552 13.92 2.90 -6.39
CA MET D 552 14.78 4.04 -6.11
C MET D 552 14.09 5.37 -6.42
N ILE D 553 12.93 5.36 -7.06
CA ILE D 553 12.16 6.59 -7.17
C ILE D 553 11.50 6.93 -5.85
N LYS D 554 10.73 6.00 -5.29
CA LYS D 554 10.11 6.19 -3.99
C LYS D 554 11.07 5.95 -2.85
N LEU D 555 12.36 5.79 -3.10
CA LEU D 555 13.32 5.83 -2.02
C LEU D 555 13.79 7.24 -1.74
N ILE D 556 13.64 8.16 -2.69
CA ILE D 556 14.01 9.54 -2.44
C ILE D 556 12.82 10.43 -2.10
N ASP D 557 11.61 10.08 -2.53
CA ASP D 557 10.46 10.84 -2.08
C ASP D 557 10.10 10.52 -0.64
N ILE D 558 10.63 9.43 -0.11
CA ILE D 558 10.73 9.31 1.34
C ILE D 558 11.85 10.20 1.85
N ALA D 559 12.99 10.21 1.15
CA ALA D 559 14.14 10.96 1.63
C ALA D 559 14.00 12.45 1.39
N ARG D 560 13.11 12.86 0.50
CA ARG D 560 12.88 14.28 0.32
C ARG D 560 11.94 14.80 1.42
N GLN D 561 10.84 14.09 1.65
CA GLN D 561 9.82 14.57 2.57
C GLN D 561 10.18 14.33 4.02
N THR D 562 11.28 13.69 4.32
CA THR D 562 11.82 13.79 5.66
C THR D 562 12.78 14.95 5.79
N ALA D 563 13.09 15.62 4.69
CA ALA D 563 13.91 16.83 4.75
C ALA D 563 13.11 18.07 4.43
N GLN D 564 12.12 17.95 3.56
CA GLN D 564 11.26 19.07 3.22
C GLN D 564 10.32 19.42 4.37
N GLY D 565 10.17 18.52 5.33
CA GLY D 565 9.39 18.82 6.51
C GLY D 565 10.21 19.03 7.76
N MET D 566 11.44 18.53 7.79
CA MET D 566 12.23 18.73 9.00
C MET D 566 12.81 20.13 9.09
N ASP D 567 12.90 20.87 7.98
CA ASP D 567 13.34 22.25 8.08
C ASP D 567 12.29 23.14 8.74
N TYR D 568 11.02 22.70 8.73
CA TYR D 568 9.98 23.40 9.46
C TYR D 568 10.19 23.30 10.97
N LEU D 569 10.89 22.27 11.43
CA LEU D 569 11.39 22.32 12.80
C LEU D 569 12.57 23.27 12.90
N HIS D 570 13.30 23.50 11.83
CA HIS D 570 14.47 24.35 11.93
C HIS D 570 14.20 25.78 11.53
N ALA D 571 13.24 26.02 10.63
CA ALA D 571 12.82 27.39 10.38
C ALA D 571 12.09 27.96 11.58
N LYS D 572 11.31 27.13 12.27
CA LYS D 572 10.75 27.51 13.56
C LYS D 572 11.69 27.16 14.71
N SER D 573 12.91 26.72 14.40
CA SER D 573 14.04 26.60 15.33
C SER D 573 13.74 25.67 16.51
N ILE D 574 13.46 24.41 16.18
CA ILE D 574 13.30 23.35 17.17
C ILE D 574 14.44 22.38 16.96
N ILE D 575 15.08 21.96 18.04
CA ILE D 575 16.03 20.86 18.01
C ILE D 575 15.25 19.57 18.22
N HIS D 576 15.08 18.78 17.16
CA HIS D 576 14.62 17.41 17.35
C HIS D 576 15.77 16.65 17.97
N ARG D 577 15.76 16.57 19.30
CA ARG D 577 16.95 16.19 20.04
C ARG D 577 17.28 14.71 19.85
N ASP D 578 16.27 13.87 19.75
CA ASP D 578 16.47 12.42 19.69
C ASP D 578 15.76 11.93 18.44
N LEU D 579 16.46 12.01 17.32
CA LEU D 579 15.91 11.47 16.08
C LEU D 579 16.40 10.04 15.90
N LYS D 580 15.50 9.15 15.53
CA LYS D 580 15.86 7.79 15.18
C LYS D 580 15.30 7.48 13.81
N SER D 581 15.60 6.28 13.33
CA SER D 581 15.09 5.86 12.04
C SER D 581 13.70 5.25 12.13
N ASN D 582 13.18 5.02 13.33
CA ASN D 582 11.85 4.45 13.49
C ASN D 582 10.82 5.44 14.01
N ASN D 583 11.19 6.70 14.23
CA ASN D 583 10.21 7.72 14.55
C ASN D 583 9.64 8.38 13.32
N ILE D 584 9.92 7.85 12.14
CA ILE D 584 9.29 8.33 10.92
C ILE D 584 8.18 7.34 10.64
N PHE D 585 7.11 7.81 10.01
CA PHE D 585 5.93 6.97 9.86
C PHE D 585 5.23 7.35 8.57
N LEU D 586 4.70 6.37 7.87
CA LEU D 586 4.07 6.64 6.58
C LEU D 586 2.56 6.62 6.72
N HIS D 587 1.92 7.54 6.03
CA HIS D 587 0.47 7.62 5.95
C HIS D 587 0.06 6.92 4.68
N GLU D 588 -0.56 5.74 4.82
CA GLU D 588 -0.94 4.78 3.78
C GLU D 588 0.12 4.60 2.69
N ASP D 589 1.38 4.55 3.11
CA ASP D 589 2.55 4.22 2.28
C ASP D 589 2.76 5.19 1.12
N LEU D 590 2.28 6.43 1.21
CA LEU D 590 2.62 7.34 0.11
C LEU D 590 3.17 8.69 0.55
N THR D 591 2.63 9.29 1.61
CA THR D 591 3.17 10.52 2.17
C THR D 591 3.54 10.29 3.63
N VAL D 592 4.56 10.98 4.09
CA VAL D 592 5.23 10.58 5.32
C VAL D 592 4.84 11.56 6.41
N LYS D 593 4.93 11.11 7.67
CA LYS D 593 4.66 11.92 8.84
C LYS D 593 5.67 11.60 9.93
N ILE D 594 6.19 12.62 10.59
CA ILE D 594 7.22 12.45 11.61
C ILE D 594 6.69 12.95 12.94
N GLY D 595 6.88 12.16 13.99
CA GLY D 595 6.42 12.49 15.33
C GLY D 595 7.49 12.23 16.37
N ASP D 596 7.10 11.80 17.57
CA ASP D 596 7.98 11.53 18.71
C ASP D 596 8.79 12.77 19.09
N PHE D 597 8.06 13.77 19.58
CA PHE D 597 8.66 14.98 20.13
C PHE D 597 8.97 14.85 21.60
N GLY D 598 9.26 13.64 22.08
CA GLY D 598 9.42 13.37 23.49
C GLY D 598 10.67 13.99 24.12
N LEU D 599 11.63 14.42 23.31
CA LEU D 599 12.77 15.16 23.82
C LEU D 599 12.94 16.49 23.11
N ALA D 600 11.90 16.97 22.45
CA ALA D 600 12.01 18.15 21.60
C ALA D 600 12.23 19.40 22.43
N THR D 601 13.24 20.17 22.07
CA THR D 601 13.61 21.40 22.76
C THR D 601 13.54 22.57 21.79
N VAL D 602 13.42 23.77 22.33
CA VAL D 602 13.39 24.98 21.52
C VAL D 602 14.73 25.65 21.81
N LYS D 603 14.98 26.81 21.19
CA LYS D 603 16.24 27.53 21.38
C LYS D 603 16.39 27.99 22.83
N SER D 604 17.28 27.34 23.57
CA SER D 604 17.32 27.42 25.02
C SER D 604 18.58 28.13 25.53
N ARG D 605 18.94 29.24 24.90
CA ARG D 605 19.99 30.09 25.43
C ARG D 605 19.50 30.96 26.58
N TRP D 606 18.19 31.08 26.76
CA TRP D 606 17.59 31.90 27.82
C TRP D 606 17.21 31.09 29.04
N SER D 607 16.96 29.79 28.89
CA SER D 607 16.69 28.90 30.00
C SER D 607 17.63 27.71 29.92
N GLY D 608 18.50 27.56 30.92
CA GLY D 608 19.47 26.49 30.89
C GLY D 608 18.87 25.14 31.20
N SER D 609 19.46 24.10 30.61
CA SER D 609 19.01 22.73 30.79
C SER D 609 20.16 21.84 31.26
N HIS D 610 19.82 20.82 32.06
CA HIS D 610 20.78 19.84 32.54
C HIS D 610 20.90 18.70 31.52
N GLN D 611 21.57 17.61 31.92
CA GLN D 611 21.83 16.48 31.03
C GLN D 611 20.56 15.77 30.58
N PHE D 612 19.89 15.07 31.53
CA PHE D 612 18.63 14.34 31.32
C PHE D 612 18.70 13.37 30.13
N GLU D 613 19.82 12.69 29.98
CA GLU D 613 20.09 11.98 28.73
C GLU D 613 20.93 10.74 29.04
N GLN D 614 21.56 10.21 27.97
CA GLN D 614 22.52 9.08 28.01
C GLN D 614 21.87 7.79 28.48
N LEU D 615 20.59 7.60 28.19
CA LEU D 615 19.92 6.31 28.38
C LEU D 615 18.83 6.21 27.32
N SER D 616 19.16 5.58 26.20
CA SER D 616 18.26 5.49 25.06
C SER D 616 18.69 4.32 24.19
N GLY D 617 17.83 3.98 23.24
CA GLY D 617 18.13 2.99 22.23
C GLY D 617 18.74 3.57 20.97
N SER D 618 19.14 4.83 21.00
CA SER D 618 19.69 5.52 19.83
C SER D 618 21.21 5.38 19.75
N ILE D 619 21.71 4.16 19.87
CA ILE D 619 23.17 3.98 19.80
C ILE D 619 23.62 3.99 18.34
N LEU D 620 22.83 3.42 17.43
CA LEU D 620 23.21 3.33 16.03
C LEU D 620 23.06 4.64 15.29
N TRP D 621 22.46 5.66 15.90
CA TRP D 621 22.42 7.03 15.39
C TRP D 621 22.69 7.94 16.59
N MET D 622 23.98 8.17 16.86
CA MET D 622 24.42 8.93 18.02
C MET D 622 25.58 9.82 17.62
N ALA D 623 25.46 11.10 17.89
CA ALA D 623 26.48 12.05 17.46
C ALA D 623 27.73 11.92 18.31
N PRO D 624 28.90 12.26 17.76
CA PRO D 624 30.10 12.34 18.61
C PRO D 624 30.06 13.47 19.60
N GLU D 625 29.27 14.52 19.33
CA GLU D 625 29.03 15.55 20.33
C GLU D 625 28.22 15.01 21.50
N VAL D 626 27.34 14.05 21.23
CA VAL D 626 26.59 13.37 22.29
C VAL D 626 27.53 12.56 23.17
N ILE D 627 28.60 12.02 22.58
CA ILE D 627 29.61 11.32 23.36
C ILE D 627 30.38 12.30 24.23
N ARG D 628 30.56 13.54 23.77
CA ARG D 628 31.37 14.52 24.50
C ARG D 628 30.62 15.07 25.71
N MET D 629 29.35 15.45 25.51
CA MET D 629 28.45 15.97 26.54
C MET D 629 29.03 17.20 27.25
N GLN D 630 29.22 18.27 26.47
CA GLN D 630 29.87 19.47 26.96
C GLN D 630 28.90 20.32 27.79
N ASP D 631 29.46 21.35 28.42
CA ASP D 631 28.64 22.29 29.20
C ASP D 631 27.76 23.13 28.28
N LYS D 632 28.30 23.57 27.14
CA LYS D 632 27.45 23.99 26.04
C LYS D 632 26.70 22.77 25.53
N ASN D 633 25.40 22.91 25.29
CA ASN D 633 24.54 21.80 24.94
C ASN D 633 24.93 21.24 23.58
N PRO D 634 25.34 19.97 23.50
CA PRO D 634 25.85 19.44 22.22
C PRO D 634 24.81 19.27 21.14
N TYR D 635 23.52 19.40 21.46
CA TYR D 635 22.51 19.38 20.43
C TYR D 635 22.50 20.72 19.71
N SER D 636 22.48 20.64 18.38
CA SER D 636 22.51 21.84 17.54
C SER D 636 21.90 21.49 16.20
N PHE D 637 21.66 22.53 15.39
CA PHE D 637 21.26 22.33 14.01
C PHE D 637 22.31 21.51 13.26
N GLN D 638 23.59 21.84 13.47
CA GLN D 638 24.67 21.10 12.82
C GLN D 638 24.80 19.69 13.38
N SER D 639 24.41 19.48 14.63
CA SER D 639 24.43 18.15 15.20
C SER D 639 23.17 17.36 14.88
N ASP D 640 22.25 17.96 14.14
CA ASP D 640 21.00 17.30 13.79
C ASP D 640 21.06 16.60 12.44
N VAL D 641 21.88 17.10 11.51
CA VAL D 641 21.95 16.50 10.20
C VAL D 641 22.69 15.17 10.21
N TYR D 642 23.51 14.93 11.23
CA TYR D 642 24.23 13.66 11.30
C TYR D 642 23.27 12.51 11.54
N ALA D 643 22.29 12.72 12.41
CA ALA D 643 21.23 11.72 12.55
C ALA D 643 20.38 11.64 11.30
N PHE D 644 20.25 12.75 10.56
CA PHE D 644 19.60 12.66 9.26
C PHE D 644 20.46 11.91 8.26
N GLY D 645 21.76 11.94 8.43
CA GLY D 645 22.62 11.30 7.46
C GLY D 645 22.65 9.80 7.59
N ILE D 646 22.67 9.32 8.83
CA ILE D 646 22.75 7.90 9.06
C ILE D 646 21.40 7.23 8.76
N VAL D 647 20.32 8.00 8.75
CA VAL D 647 19.07 7.51 8.20
C VAL D 647 19.22 7.26 6.70
N LEU D 648 19.75 8.25 5.98
CA LEU D 648 19.86 8.18 4.52
C LEU D 648 20.78 7.08 4.07
N TYR D 649 21.83 6.78 4.85
CA TYR D 649 22.61 5.60 4.56
C TYR D 649 21.79 4.35 4.83
N GLU D 650 21.11 4.29 5.96
CA GLU D 650 20.28 3.14 6.28
C GLU D 650 19.04 3.05 5.39
N LEU D 651 18.66 4.15 4.75
CA LEU D 651 17.54 4.11 3.81
C LEU D 651 17.99 3.61 2.45
N MET D 652 19.10 4.15 1.95
CA MET D 652 19.48 3.90 0.56
C MET D 652 20.09 2.52 0.37
N THR D 653 21.02 2.12 1.25
CA THR D 653 21.64 0.82 1.07
C THR D 653 20.77 -0.33 1.52
N GLY D 654 19.65 -0.04 2.20
CA GLY D 654 18.73 -1.09 2.61
C GLY D 654 19.25 -2.03 3.66
N GLN D 655 20.27 -1.62 4.39
CA GLN D 655 20.90 -2.46 5.40
C GLN D 655 20.77 -1.80 6.77
N LEU D 656 21.27 -2.47 7.76
CA LEU D 656 21.28 -1.93 9.11
C LEU D 656 22.60 -1.23 9.39
N PRO D 657 22.57 -0.03 9.95
CA PRO D 657 23.81 0.72 10.13
C PRO D 657 24.64 0.15 11.25
N TYR D 658 25.96 0.20 11.06
CA TYR D 658 26.96 -0.45 11.92
C TYR D 658 26.62 -1.93 12.09
N SER D 659 26.71 -2.64 10.97
CA SER D 659 26.35 -4.05 10.88
C SER D 659 27.20 -4.92 11.79
N ASN D 660 28.52 -4.87 11.63
CA ASN D 660 29.41 -5.67 12.46
C ASN D 660 29.54 -5.04 13.85
N ILE D 661 28.61 -5.35 14.73
CA ILE D 661 28.65 -4.86 16.11
C ILE D 661 28.05 -5.90 17.05
N ASN D 662 28.88 -6.44 17.95
CA ASN D 662 28.37 -7.39 18.93
C ASN D 662 27.60 -6.67 20.05
N ASN D 663 28.15 -5.57 20.55
CA ASN D 663 27.50 -4.75 21.57
C ASN D 663 27.93 -3.30 21.38
N ARG D 664 27.59 -2.46 22.34
CA ARG D 664 28.00 -1.07 22.33
C ARG D 664 29.35 -0.84 22.98
N ASP D 665 30.12 -1.92 23.24
CA ASP D 665 31.44 -1.77 23.85
C ASP D 665 32.43 -1.13 22.89
N GLN D 666 32.48 -1.62 21.64
CA GLN D 666 33.41 -1.08 20.66
C GLN D 666 32.86 0.14 19.93
N ILE D 667 31.56 0.37 20.01
CA ILE D 667 30.94 1.47 19.26
C ILE D 667 31.34 2.81 19.86
N ILE D 668 30.96 3.02 21.13
CA ILE D 668 31.05 4.32 21.77
C ILE D 668 32.49 4.74 22.05
N PHE D 669 33.43 3.79 22.06
CA PHE D 669 34.84 4.13 22.14
C PHE D 669 35.32 4.85 20.89
N MET D 670 34.73 4.54 19.74
CA MET D 670 35.29 4.92 18.46
C MET D 670 34.39 5.86 17.67
N VAL D 671 33.29 6.34 18.26
CA VAL D 671 32.48 7.37 17.61
C VAL D 671 33.25 8.69 17.57
N GLY D 672 33.58 9.23 18.75
CA GLY D 672 34.25 10.50 18.83
C GLY D 672 35.75 10.44 18.71
N ARG D 673 36.32 9.24 18.63
CA ARG D 673 37.78 9.10 18.53
C ARG D 673 38.26 9.13 17.09
N GLY D 674 37.56 8.43 16.19
CA GLY D 674 37.94 8.44 14.79
C GLY D 674 38.29 7.06 14.25
N TYR D 675 37.71 6.02 14.85
CA TYR D 675 37.93 4.66 14.39
C TYR D 675 36.66 3.94 13.95
N LEU D 676 35.48 4.40 14.35
CA LEU D 676 34.22 3.92 13.82
C LEU D 676 33.69 4.94 12.82
N SER D 677 33.14 4.45 11.71
CA SER D 677 32.60 5.30 10.67
C SER D 677 31.50 4.55 9.95
N PRO D 678 30.49 5.25 9.43
CA PRO D 678 29.48 4.59 8.59
C PRO D 678 30.07 4.31 7.21
N ASP D 679 30.18 3.03 6.88
CA ASP D 679 30.82 2.61 5.62
C ASP D 679 29.79 2.70 4.51
N LEU D 680 29.66 3.88 3.93
CA LEU D 680 28.70 4.13 2.86
C LEU D 680 29.12 3.52 1.53
N SER D 681 30.34 2.99 1.44
CA SER D 681 30.79 2.32 0.22
C SER D 681 30.06 1.00 -0.04
N LYS D 682 29.31 0.48 0.94
CA LYS D 682 28.40 -0.62 0.71
C LYS D 682 27.03 -0.10 0.25
N VAL D 683 27.02 0.73 -0.78
CA VAL D 683 25.82 1.39 -1.27
C VAL D 683 25.04 0.43 -2.16
N ARG D 684 23.83 0.82 -2.53
CA ARG D 684 22.99 0.00 -3.39
C ARG D 684 23.48 0.05 -4.84
N SER D 685 22.80 -0.71 -5.69
CA SER D 685 23.27 -0.87 -7.06
C SER D 685 23.04 0.38 -7.89
N ASN D 686 22.03 1.17 -7.55
CA ASN D 686 21.66 2.36 -8.32
C ASN D 686 21.49 3.53 -7.34
N CYS D 687 22.60 4.17 -7.00
CA CYS D 687 22.58 5.38 -6.19
C CYS D 687 23.13 6.50 -7.05
N PRO D 688 22.31 7.47 -7.47
CA PRO D 688 22.78 8.51 -8.38
C PRO D 688 23.84 9.39 -7.74
N LYS D 689 24.63 10.04 -8.60
CA LYS D 689 25.90 10.60 -8.18
C LYS D 689 25.74 11.79 -7.25
N ALA D 690 24.61 12.49 -7.31
CA ALA D 690 24.35 13.54 -6.34
C ALA D 690 24.05 12.96 -4.97
N MET D 691 23.09 12.04 -4.90
CA MET D 691 22.74 11.39 -3.64
C MET D 691 23.86 10.49 -3.14
N LYS D 692 24.76 10.05 -4.01
CA LYS D 692 25.94 9.34 -3.56
C LYS D 692 26.93 10.27 -2.88
N ARG D 693 26.90 11.55 -3.19
CA ARG D 693 27.94 12.48 -2.76
C ARG D 693 27.55 13.35 -1.60
N LEU D 694 26.26 13.64 -1.41
CA LEU D 694 25.87 14.51 -0.29
C LEU D 694 26.05 13.80 1.03
N MET D 695 25.75 12.50 1.07
CA MET D 695 25.90 11.72 2.29
C MET D 695 27.35 11.55 2.69
N ALA D 696 28.28 11.76 1.76
CA ALA D 696 29.69 11.81 2.13
C ALA D 696 29.98 13.00 3.03
N GLU D 697 29.54 14.19 2.64
CA GLU D 697 29.76 15.37 3.45
C GLU D 697 28.71 15.54 4.53
N CYS D 698 27.63 14.75 4.50
CA CYS D 698 26.57 14.91 5.50
C CYS D 698 27.02 14.40 6.85
N LEU D 699 27.37 13.12 6.94
CA LEU D 699 27.78 12.52 8.20
C LEU D 699 29.28 12.72 8.45
N LYS D 700 29.70 13.98 8.35
CA LYS D 700 31.07 14.39 8.60
C LYS D 700 31.42 14.22 10.07
N LYS D 701 32.68 13.94 10.34
CA LYS D 701 33.14 13.96 11.72
C LYS D 701 33.31 15.39 12.23
N LYS D 702 33.74 16.29 11.36
CA LYS D 702 33.87 17.69 11.73
C LYS D 702 32.49 18.32 11.85
N ARG D 703 32.13 18.73 13.06
CA ARG D 703 30.74 19.06 13.37
C ARG D 703 30.29 20.36 12.74
N ASP D 704 31.21 21.22 12.34
CA ASP D 704 30.86 22.43 11.63
C ASP D 704 30.99 22.30 10.13
N GLU D 705 31.55 21.18 9.64
CA GLU D 705 31.71 20.99 8.21
C GLU D 705 30.40 20.54 7.56
N ARG D 706 29.47 20.06 8.37
CA ARG D 706 28.23 19.49 7.87
C ARG D 706 27.35 20.58 7.25
N PRO D 707 26.62 20.29 6.17
CA PRO D 707 25.92 21.35 5.46
C PRO D 707 24.68 21.81 6.19
N LEU D 708 24.16 22.94 5.73
CA LEU D 708 22.94 23.48 6.30
C LEU D 708 21.74 22.72 5.75
N PHE D 709 20.65 22.81 6.49
CA PHE D 709 19.47 22.01 6.16
C PHE D 709 18.69 22.52 4.94
N PRO D 710 18.58 23.82 4.65
CA PRO D 710 18.00 24.17 3.34
C PRO D 710 18.91 23.86 2.17
N GLN D 711 20.18 23.54 2.40
CA GLN D 711 21.02 23.03 1.32
C GLN D 711 20.65 21.59 0.98
N ILE D 712 20.43 20.76 2.00
CA ILE D 712 20.19 19.34 1.77
C ILE D 712 18.77 19.08 1.28
N LEU D 713 17.89 20.07 1.33
CA LEU D 713 16.72 20.00 0.47
C LEU D 713 17.05 20.47 -0.93
N ALA D 714 17.88 21.50 -1.06
CA ALA D 714 18.15 22.08 -2.37
C ALA D 714 18.95 21.15 -3.27
N SER D 715 19.68 20.20 -2.70
CA SER D 715 20.36 19.22 -3.53
C SER D 715 19.40 18.17 -4.03
N ILE D 716 18.54 17.65 -3.15
CA ILE D 716 17.67 16.54 -3.52
C ILE D 716 16.50 17.02 -4.39
N GLU D 717 16.22 18.31 -4.40
CA GLU D 717 15.23 18.79 -5.35
C GLU D 717 15.77 18.91 -6.77
N LEU D 718 17.08 18.70 -6.98
CA LEU D 718 17.65 18.66 -8.31
C LEU D 718 17.49 17.31 -8.99
N LEU D 719 17.06 16.29 -8.27
CA LEU D 719 16.91 14.94 -8.81
C LEU D 719 15.51 14.69 -9.32
N ALA D 720 14.87 15.71 -9.90
CA ALA D 720 13.52 15.55 -10.41
C ALA D 720 13.49 14.74 -11.69
N ARG D 721 14.46 14.97 -12.58
CA ARG D 721 14.39 14.38 -13.92
C ARG D 721 15.19 13.08 -14.01
N SER D 722 15.58 12.52 -12.86
CA SER D 722 16.58 11.42 -12.70
C SER D 722 16.21 10.20 -13.54
N LEU D 723 15.12 9.50 -13.24
CA LEU D 723 14.77 8.26 -13.94
C LEU D 723 13.25 8.17 -13.95
N PRO D 724 12.60 8.14 -15.11
CA PRO D 724 11.13 7.98 -15.09
C PRO D 724 10.68 6.58 -14.74
N LYS D 725 11.33 5.54 -15.27
CA LYS D 725 10.89 4.17 -15.12
C LYS D 725 11.86 3.37 -14.27
N ILE D 726 11.63 2.07 -14.22
CA ILE D 726 12.44 1.14 -13.45
C ILE D 726 13.72 0.85 -14.22
N HIS D 727 14.65 0.16 -13.56
CA HIS D 727 15.89 -0.26 -14.22
C HIS D 727 15.64 -1.27 -15.33
N ARG D 728 14.58 -2.06 -15.21
CA ARG D 728 14.24 -3.00 -16.26
C ARG D 728 13.67 -2.23 -17.45
N SER D 729 14.36 -2.32 -18.57
CA SER D 729 13.88 -1.71 -19.80
C SER D 729 12.73 -2.55 -20.34
N ALA D 730 11.60 -1.92 -20.60
CA ALA D 730 10.36 -2.63 -20.90
C ALA D 730 10.38 -3.34 -22.27
N SEP D 731 9.48 -4.29 -22.46
CA SEP D 731 9.32 -4.97 -23.74
CB SEP D 731 9.51 -6.47 -23.60
OG SEP D 731 10.63 -6.75 -22.79
C SEP D 731 7.95 -4.68 -24.31
O SEP D 731 7.28 -3.75 -23.89
P SEP D 731 10.79 -8.32 -22.63
O1P SEP D 731 10.78 -8.73 -21.08
O2P SEP D 731 12.18 -8.78 -23.25
O3P SEP D 731 9.56 -9.05 -23.38
N GLU D 732 7.54 -5.47 -25.29
CA GLU D 732 6.23 -5.34 -25.88
C GLU D 732 5.20 -5.82 -24.85
N PRO D 733 3.99 -5.30 -24.87
CA PRO D 733 3.01 -5.69 -23.85
C PRO D 733 2.24 -6.94 -24.23
N SER D 734 1.70 -7.58 -23.21
CA SER D 734 0.84 -8.75 -23.39
C SER D 734 -0.61 -8.31 -23.36
N LEU D 735 -1.37 -8.73 -24.36
CA LEU D 735 -2.75 -8.28 -24.49
C LEU D 735 -3.72 -9.18 -23.74
#